data_7QRA
#
_entry.id   7QRA
#
_cell.length_a   49.208
_cell.length_b   84.949
_cell.length_c   90.070
_cell.angle_alpha   70.840
_cell.angle_beta   74.080
_cell.angle_gamma   86.930
#
_symmetry.space_group_name_H-M   'P 1'
#
loop_
_entity.id
_entity.type
_entity.pdbx_description
1 polymer 'Casein kinase I isoform delta'
2 non-polymer 'SULFATE ION'
3 non-polymer 1,2-ETHANEDIOL
4 non-polymer 4-[3-cyclohexyl-5-(4-fluorophenyl)imidazol-4-yl]-1~{H}-pyrrolo[2,3-b]pyridine
5 water water
#
_entity_poly.entity_id   1
_entity_poly.type   'polypeptide(L)'
_entity_poly.pdbx_seq_one_letter_code
;SMMELRVGNRYRLGRKIGSGSFGDIYLGTDIAAGEEVAIKLECVKTKHPQLHIESKIYKMMQGGVGIPTIRWCGAEGDYN
VMVMELLGPSLEDLFNFCSRKFSLKTVLLLADQMISRIEYIHSKNFIHRDVKPDNFLMGLGKKGNLVYIIDFGLAKKYRD
ARTHQHIPYRENKNLTGTARYASINTHLGIEQSRRDDLESLGYVLMYFNLGSLPWQGLKAATKRQKYERISEKKMSTPIE
VLCKGYPSEFATYLNFCRSLRFDDKPDYSYLRQLFRNLFHRQGFSYDYVFDWNMLK
;
_entity_poly.pdbx_strand_id   A,B,C,D
#
loop_
_chem_comp.id
_chem_comp.type
_chem_comp.name
_chem_comp.formula
EDO non-polymer 1,2-ETHANEDIOL 'C2 H6 O2'
EYI non-polymer 4-[3-cyclohexyl-5-(4-fluorophenyl)imidazol-4-yl]-1~{H}-pyrrolo[2,3-b]pyridine 'C22 H21 F N4'
SO4 non-polymer 'SULFATE ION' 'O4 S -2'
#
# COMPACT_ATOMS: atom_id res chain seq x y z
N LEU A 5 32.78 -4.66 32.44
CA LEU A 5 32.71 -3.17 32.75
C LEU A 5 31.68 -2.91 33.87
N ARG A 6 31.90 -1.85 34.65
CA ARG A 6 31.23 -1.61 35.96
C ARG A 6 30.01 -0.71 35.78
N VAL A 7 28.94 -1.25 35.18
CA VAL A 7 27.67 -0.54 35.01
C VAL A 7 26.97 -0.44 36.37
N GLY A 8 26.37 0.73 36.63
CA GLY A 8 25.95 1.08 37.96
C GLY A 8 27.13 0.98 38.92
N ASN A 9 26.84 0.55 40.13
CA ASN A 9 27.84 0.31 41.11
C ASN A 9 28.20 -1.19 41.11
N ARG A 10 27.21 -2.03 40.79
CA ARG A 10 27.11 -3.40 41.26
C ARG A 10 26.71 -4.33 40.10
N TYR A 11 26.81 -3.89 38.85
CA TYR A 11 26.48 -4.75 37.72
C TYR A 11 27.71 -4.89 36.83
N ARG A 12 28.05 -6.13 36.50
CA ARG A 12 29.06 -6.47 35.50
C ARG A 12 28.36 -6.74 34.16
N LEU A 13 28.77 -6.05 33.11
CA LEU A 13 28.32 -6.35 31.78
C LEU A 13 29.04 -7.60 31.25
N GLY A 14 28.28 -8.47 30.56
CA GLY A 14 28.77 -9.65 29.84
C GLY A 14 28.61 -9.47 28.34
N ARG A 15 28.49 -10.58 27.60
CA ARG A 15 28.42 -10.58 26.14
C ARG A 15 26.97 -10.39 25.72
N LYS A 16 26.75 -9.99 24.46
CA LYS A 16 25.41 -9.73 23.93
C LYS A 16 24.57 -11.01 24.05
N ILE A 17 23.25 -10.83 24.14
CA ILE A 17 22.28 -11.93 24.13
C ILE A 17 21.57 -11.90 22.75
N GLY A 18 21.06 -10.73 22.36
CA GLY A 18 20.62 -10.49 20.98
C GLY A 18 20.00 -9.11 20.75
N SER A 19 18.80 -9.10 20.14
CA SER A 19 18.11 -7.86 19.73
C SER A 19 16.60 -8.14 19.57
N GLY A 23 18.27 -0.72 22.39
CA GLY A 23 19.45 -1.15 21.67
C GLY A 23 19.66 -2.66 21.80
N ASP A 24 20.92 -3.06 22.03
CA ASP A 24 21.27 -4.45 22.20
C ASP A 24 21.08 -4.87 23.67
N ILE A 25 20.92 -6.18 23.84
CA ILE A 25 20.61 -6.86 25.08
C ILE A 25 21.84 -7.66 25.50
N TYR A 26 22.24 -7.54 26.76
CA TYR A 26 23.44 -8.22 27.27
C TYR A 26 23.09 -9.06 28.50
N LEU A 27 23.83 -10.16 28.67
CA LEU A 27 23.91 -10.87 29.93
C LEU A 27 24.81 -10.05 30.87
N GLY A 28 24.44 -10.06 32.15
CA GLY A 28 25.16 -9.38 33.15
C GLY A 28 25.02 -10.09 34.46
N THR A 29 25.72 -9.59 35.48
CA THR A 29 25.66 -10.14 36.80
C THR A 29 25.42 -9.00 37.79
N ASP A 30 24.45 -9.18 38.68
CA ASP A 30 24.37 -8.41 39.88
C ASP A 30 25.40 -8.98 40.85
N ILE A 31 26.61 -8.42 40.81
CA ILE A 31 27.75 -8.84 41.61
C ILE A 31 27.38 -8.91 43.10
N ALA A 32 26.61 -7.92 43.58
CA ALA A 32 26.28 -7.74 44.98
C ALA A 32 25.34 -8.83 45.49
N ALA A 33 24.32 -9.16 44.69
CA ALA A 33 23.28 -10.12 45.09
C ALA A 33 23.60 -11.54 44.57
N GLY A 34 24.55 -11.66 43.66
CA GLY A 34 24.89 -12.95 43.06
C GLY A 34 23.77 -13.52 42.21
N GLU A 35 23.17 -12.68 41.34
CA GLU A 35 22.10 -13.07 40.40
C GLU A 35 22.48 -12.58 39.00
N GLU A 36 22.14 -13.35 37.97
CA GLU A 36 22.26 -12.87 36.58
C GLU A 36 21.12 -11.89 36.31
N VAL A 37 21.36 -11.01 35.35
CA VAL A 37 20.50 -9.91 34.92
C VAL A 37 20.59 -9.75 33.39
N ALA A 38 19.62 -9.01 32.85
CA ALA A 38 19.60 -8.60 31.43
C ALA A 38 19.82 -7.09 31.37
N ILE A 39 20.70 -6.64 30.48
CA ILE A 39 21.05 -5.24 30.41
C ILE A 39 20.81 -4.73 28.99
N LYS A 40 20.07 -3.64 28.88
CA LYS A 40 19.79 -3.00 27.60
C LYS A 40 20.52 -1.65 27.55
N LEU A 41 21.43 -1.51 26.58
CA LEU A 41 22.19 -0.28 26.37
C LEU A 41 21.62 0.48 25.19
N GLU A 42 21.66 1.82 25.27
CA GLU A 42 21.36 2.72 24.14
C GLU A 42 22.34 3.90 24.17
N CYS A 43 22.94 4.19 23.01
CA CYS A 43 23.89 5.30 22.85
C CYS A 43 23.19 6.62 23.21
N VAL A 44 23.95 7.51 23.86
CA VAL A 44 23.38 8.74 24.44
C VAL A 44 22.94 9.67 23.29
N LYS A 45 23.66 9.61 22.17
CA LYS A 45 23.30 10.38 20.98
C LYS A 45 22.94 9.42 19.85
N THR A 46 21.68 8.96 19.85
CA THR A 46 20.98 8.48 18.68
C THR A 46 20.13 9.65 18.15
N LYS A 47 19.65 9.54 16.90
CA LYS A 47 18.67 10.46 16.35
C LYS A 47 17.32 10.26 17.05
N HIS A 48 17.03 9.01 17.43
CA HIS A 48 15.76 8.60 18.03
C HIS A 48 16.00 7.94 19.39
N PRO A 49 16.25 8.72 20.47
CA PRO A 49 16.30 8.18 21.83
C PRO A 49 14.95 7.60 22.28
N GLN A 50 14.93 6.34 22.76
CA GLN A 50 13.67 5.62 23.05
C GLN A 50 13.70 4.91 24.42
N LEU A 51 14.90 4.60 24.93
CA LEU A 51 15.03 3.68 26.08
C LEU A 51 14.40 4.32 27.33
N HIS A 52 14.67 5.62 27.54
CA HIS A 52 14.16 6.31 28.67
C HIS A 52 12.62 6.33 28.63
N ILE A 53 12.06 6.50 27.43
CA ILE A 53 10.60 6.51 27.28
C ILE A 53 10.05 5.13 27.64
N GLU A 54 10.67 4.09 27.07
CA GLU A 54 10.27 2.71 27.33
C GLU A 54 10.35 2.41 28.84
N SER A 55 11.42 2.88 29.50
CA SER A 55 11.69 2.58 30.90
C SER A 55 10.59 3.18 31.78
N LYS A 56 10.10 4.36 31.39
CA LYS A 56 8.99 5.01 32.11
C LYS A 56 7.77 4.09 32.13
N ILE A 57 7.51 3.44 30.99
CA ILE A 57 6.35 2.58 30.87
C ILE A 57 6.58 1.29 31.67
N TYR A 58 7.75 0.67 31.52
CA TYR A 58 8.10 -0.55 32.32
C TYR A 58 7.92 -0.28 33.83
N LYS A 59 8.26 0.94 34.25
CA LYS A 59 8.14 1.35 35.67
C LYS A 59 6.66 1.41 36.10
N MET A 60 5.80 1.99 35.25
CA MET A 60 4.35 2.07 35.51
C MET A 60 3.74 0.65 35.60
N MET A 61 4.29 -0.31 34.85
CA MET A 61 3.80 -1.71 34.82
C MET A 61 4.27 -2.52 36.04
N GLN A 62 5.33 -2.06 36.74
CA GLN A 62 6.00 -2.87 37.79
C GLN A 62 4.96 -3.41 38.77
N GLY A 63 5.15 -4.67 39.22
CA GLY A 63 4.35 -5.30 40.29
C GLY A 63 3.24 -6.19 39.74
N GLY A 64 2.95 -6.05 38.45
CA GLY A 64 2.08 -6.94 37.75
C GLY A 64 2.70 -8.29 37.56
N VAL A 65 1.86 -9.33 37.63
CA VAL A 65 2.27 -10.69 37.33
C VAL A 65 2.85 -10.69 35.90
N GLY A 66 4.05 -11.23 35.75
CA GLY A 66 4.61 -11.48 34.43
C GLY A 66 5.06 -10.20 33.73
N ILE A 67 5.24 -9.13 34.51
CA ILE A 67 6.02 -7.96 34.10
C ILE A 67 7.43 -8.11 34.65
N PRO A 68 8.48 -8.03 33.81
CA PRO A 68 9.86 -8.13 34.30
C PRO A 68 10.19 -6.97 35.26
N THR A 69 10.98 -7.27 36.30
CA THR A 69 11.33 -6.32 37.39
C THR A 69 12.58 -5.52 36.99
N ILE A 70 12.44 -4.18 36.95
CA ILE A 70 13.60 -3.26 36.77
C ILE A 70 14.48 -3.38 38.01
N ARG A 71 15.78 -3.62 37.80
CA ARG A 71 16.77 -3.58 38.88
C ARG A 71 17.32 -2.16 39.00
N TRP A 72 17.56 -1.52 37.84
CA TRP A 72 18.30 -0.25 37.78
C TRP A 72 18.11 0.44 36.40
N CYS A 73 17.89 1.76 36.42
CA CYS A 73 18.06 2.64 35.27
C CYS A 73 19.07 3.74 35.58
N GLY A 74 19.84 4.14 34.56
CA GLY A 74 20.78 5.22 34.69
C GLY A 74 21.48 5.49 33.38
N ALA A 75 22.61 6.19 33.49
CA ALA A 75 23.52 6.36 32.39
C ALA A 75 24.95 6.07 32.89
N GLU A 76 25.75 5.46 32.01
CA GLU A 76 27.17 5.17 32.24
C GLU A 76 27.91 5.35 30.92
N GLY A 77 28.98 6.16 30.96
CA GLY A 77 29.78 6.44 29.80
C GLY A 77 28.92 6.88 28.62
N ASP A 78 29.03 6.14 27.51
CA ASP A 78 28.44 6.53 26.23
C ASP A 78 26.98 6.07 26.12
N TYR A 79 26.40 5.57 27.23
CA TYR A 79 25.21 4.71 27.17
C TYR A 79 24.17 5.14 28.20
N ASN A 80 22.91 5.01 27.81
CA ASN A 80 21.78 4.87 28.73
C ASN A 80 21.54 3.38 28.95
N VAL A 81 21.09 3.03 30.16
CA VAL A 81 21.16 1.67 30.64
C VAL A 81 19.87 1.34 31.37
N MET A 82 19.34 0.14 31.13
CA MET A 82 18.26 -0.44 31.96
C MET A 82 18.67 -1.86 32.30
N VAL A 83 18.51 -2.26 33.57
CA VAL A 83 18.83 -3.64 34.05
C VAL A 83 17.54 -4.32 34.54
N MET A 84 17.30 -5.54 34.06
CA MET A 84 16.15 -6.38 34.42
C MET A 84 16.62 -7.71 35.02
N GLU A 85 15.83 -8.30 35.92
CA GLU A 85 15.97 -9.70 36.26
C GLU A 85 16.05 -10.49 34.94
N LEU A 86 16.91 -11.51 34.91
CA LEU A 86 17.06 -12.39 33.75
C LEU A 86 15.75 -13.17 33.49
N LEU A 87 15.38 -13.29 32.22
CA LEU A 87 14.33 -14.20 31.83
C LEU A 87 14.88 -15.23 30.85
N GLY A 88 14.05 -16.23 30.58
CA GLY A 88 14.38 -17.30 29.68
C GLY A 88 13.89 -17.06 28.26
N PRO A 89 13.90 -18.11 27.41
CA PRO A 89 13.63 -17.96 25.98
C PRO A 89 12.20 -17.51 25.65
N SER A 90 12.04 -16.90 24.48
CA SER A 90 10.76 -16.43 24.02
C SER A 90 9.89 -17.62 23.61
N LEU A 91 8.61 -17.34 23.30
CA LEU A 91 7.70 -18.35 22.76
C LEU A 91 8.10 -18.70 21.32
N GLU A 92 8.67 -17.74 20.58
CA GLU A 92 9.17 -18.05 19.25
C GLU A 92 10.34 -19.03 19.37
N ASP A 93 11.29 -18.76 20.28
CA ASP A 93 12.45 -19.62 20.48
C ASP A 93 11.99 -21.01 20.90
N LEU A 94 11.07 -21.09 21.88
CA LEU A 94 10.58 -22.41 22.38
C LEU A 94 9.75 -23.11 21.28
N PHE A 95 9.02 -22.33 20.48
CA PHE A 95 8.26 -22.90 19.31
C PHE A 95 9.25 -23.50 18.28
N ASN A 96 10.33 -22.78 17.97
CA ASN A 96 11.36 -23.28 17.06
C ASN A 96 12.01 -24.55 17.65
N PHE A 97 12.25 -24.55 18.95
CA PHE A 97 12.94 -25.64 19.64
C PHE A 97 12.03 -26.88 19.65
N CYS A 98 10.71 -26.67 19.46
CA CYS A 98 9.72 -27.75 19.51
C CYS A 98 9.27 -28.15 18.10
N SER A 99 10.06 -27.76 17.08
CA SER A 99 9.80 -28.12 15.66
C SER A 99 8.52 -27.45 15.14
N ARG A 100 8.16 -26.31 15.72
CA ARG A 100 7.08 -25.44 15.24
C ARG A 100 5.74 -26.19 15.34
N LYS A 101 5.61 -26.93 16.44
CA LYS A 101 4.42 -27.69 16.78
C LYS A 101 4.21 -27.63 18.29
N PHE A 102 3.10 -27.00 18.72
CA PHE A 102 2.65 -27.03 20.11
C PHE A 102 1.35 -27.85 20.22
N SER A 103 1.25 -28.65 21.30
CA SER A 103 0.02 -29.42 21.60
C SER A 103 -1.12 -28.45 21.94
N LEU A 104 -2.35 -28.94 21.93
CA LEU A 104 -3.48 -28.10 22.27
C LEU A 104 -3.33 -27.65 23.74
N LYS A 105 -2.86 -28.56 24.60
CA LYS A 105 -2.71 -28.26 26.03
C LYS A 105 -1.79 -27.06 26.23
N THR A 106 -0.67 -27.03 25.50
CA THR A 106 0.31 -25.94 25.62
C THR A 106 -0.28 -24.62 25.12
N VAL A 107 -0.96 -24.67 23.97
CA VAL A 107 -1.55 -23.45 23.43
C VAL A 107 -2.53 -22.85 24.46
N LEU A 108 -3.37 -23.70 25.06
CA LEU A 108 -4.40 -23.26 25.99
C LEU A 108 -3.76 -22.76 27.31
N LEU A 109 -2.66 -23.38 27.78
CA LEU A 109 -1.96 -22.92 28.99
C LEU A 109 -1.41 -21.51 28.73
N LEU A 110 -0.84 -21.31 27.53
CA LEU A 110 -0.26 -20.02 27.15
C LEU A 110 -1.36 -18.95 26.95
N ALA A 111 -2.47 -19.34 26.33
CA ALA A 111 -3.55 -18.39 26.02
C ALA A 111 -4.11 -17.81 27.33
N ASP A 112 -4.23 -18.63 28.37
CA ASP A 112 -4.78 -18.17 29.61
C ASP A 112 -3.90 -17.03 30.18
N GLN A 113 -2.59 -17.26 30.22
CA GLN A 113 -1.68 -16.29 30.80
C GLN A 113 -1.62 -15.03 29.91
N MET A 114 -1.55 -15.27 28.59
CA MET A 114 -1.34 -14.20 27.60
C MET A 114 -2.50 -13.18 27.59
N ILE A 115 -3.73 -13.64 27.80
CA ILE A 115 -4.87 -12.76 27.85
C ILE A 115 -4.71 -11.88 29.10
N SER A 116 -4.30 -12.51 30.20
CA SER A 116 -4.13 -11.86 31.51
C SER A 116 -3.08 -10.73 31.44
N ARG A 117 -2.04 -10.88 30.63
CA ARG A 117 -0.96 -9.87 30.58
C ARG A 117 -1.41 -8.63 29.80
N ILE A 118 -2.06 -8.87 28.68
CA ILE A 118 -2.62 -7.83 27.84
C ILE A 118 -3.65 -7.04 28.64
N GLU A 119 -4.45 -7.76 29.45
CA GLU A 119 -5.49 -7.12 30.28
C GLU A 119 -4.80 -6.21 31.32
N TYR A 120 -3.69 -6.69 31.91
CA TYR A 120 -2.97 -5.90 32.88
C TYR A 120 -2.41 -4.62 32.24
N ILE A 121 -1.74 -4.74 31.09
CA ILE A 121 -1.23 -3.59 30.36
C ILE A 121 -2.38 -2.58 30.15
N HIS A 122 -3.56 -3.07 29.72
CA HIS A 122 -4.71 -2.19 29.40
C HIS A 122 -5.18 -1.47 30.68
N SER A 123 -5.08 -2.16 31.81
CA SER A 123 -5.45 -1.62 33.11
C SER A 123 -4.54 -0.44 33.50
N LYS A 124 -3.32 -0.42 32.93
CA LYS A 124 -2.37 0.65 33.18
C LYS A 124 -2.43 1.72 32.07
N ASN A 125 -3.53 1.72 31.31
CA ASN A 125 -3.90 2.82 30.38
C ASN A 125 -3.09 2.76 29.09
N PHE A 126 -2.44 1.62 28.80
CA PHE A 126 -1.62 1.47 27.60
C PHE A 126 -2.18 0.35 26.72
N ILE A 127 -1.84 0.40 25.44
CA ILE A 127 -1.97 -0.71 24.50
C ILE A 127 -0.56 -1.03 23.99
N HIS A 128 -0.32 -2.31 23.66
CA HIS A 128 1.02 -2.86 23.37
C HIS A 128 1.40 -2.61 21.90
N ARG A 129 0.58 -3.18 20.98
CA ARG A 129 0.63 -2.93 19.51
C ARG A 129 1.81 -3.68 18.85
N ASP A 130 2.33 -4.69 19.54
CA ASP A 130 3.36 -5.59 18.96
C ASP A 130 3.22 -6.97 19.63
N VAL A 131 1.99 -7.44 19.67
CA VAL A 131 1.67 -8.74 20.21
C VAL A 131 2.10 -9.78 19.18
N LYS A 132 3.15 -10.53 19.55
CA LYS A 132 3.75 -11.57 18.75
C LYS A 132 4.51 -12.52 19.68
N PRO A 133 4.79 -13.79 19.25
CA PRO A 133 5.46 -14.78 20.09
C PRO A 133 6.83 -14.33 20.68
N ASP A 134 7.47 -13.37 20.01
CA ASP A 134 8.86 -12.94 20.32
C ASP A 134 8.88 -12.03 21.56
N ASN A 135 7.71 -11.50 21.93
CA ASN A 135 7.60 -10.49 22.99
C ASN A 135 6.98 -11.11 24.23
N PHE A 136 6.89 -12.46 24.27
CA PHE A 136 6.55 -13.21 25.47
C PHE A 136 7.71 -14.15 25.81
N LEU A 137 8.20 -14.08 27.04
CA LEU A 137 9.33 -14.88 27.50
C LEU A 137 8.88 -15.72 28.69
N MET A 138 9.38 -16.97 28.77
CA MET A 138 9.21 -17.77 29.97
C MET A 138 10.25 -17.33 31.01
N GLY A 139 9.82 -17.32 32.29
CA GLY A 139 10.72 -17.15 33.44
C GLY A 139 11.73 -18.29 33.53
N LEU A 140 12.66 -18.12 34.46
CA LEU A 140 13.69 -19.13 34.82
C LEU A 140 13.45 -19.59 36.25
N GLY A 141 13.98 -20.77 36.59
CA GLY A 141 14.04 -21.25 38.00
C GLY A 141 12.64 -21.44 38.57
N LYS A 142 12.36 -20.77 39.70
CA LYS A 142 11.06 -20.89 40.40
C LYS A 142 9.93 -20.29 39.54
N LYS A 143 10.30 -19.39 38.60
CA LYS A 143 9.36 -18.62 37.79
C LYS A 143 9.16 -19.27 36.41
N GLY A 144 9.53 -20.56 36.27
CA GLY A 144 9.58 -21.27 34.97
C GLY A 144 8.21 -21.60 34.35
N ASN A 145 7.15 -21.52 35.16
CA ASN A 145 5.77 -21.75 34.69
C ASN A 145 5.09 -20.43 34.31
N LEU A 146 5.81 -19.31 34.42
CA LEU A 146 5.22 -18.01 34.27
C LEU A 146 5.62 -17.39 32.91
N VAL A 147 4.59 -16.99 32.15
CA VAL A 147 4.70 -16.24 30.90
C VAL A 147 4.79 -14.75 31.25
N TYR A 148 5.86 -14.10 30.77
CA TYR A 148 6.11 -12.63 30.88
C TYR A 148 5.90 -11.94 29.52
N ILE A 149 5.59 -10.65 29.57
CA ILE A 149 5.54 -9.84 28.36
C ILE A 149 6.63 -8.76 28.45
N ILE A 150 7.25 -8.45 27.32
CA ILE A 150 8.31 -7.46 27.19
C ILE A 150 7.97 -6.50 26.05
N ASP A 151 8.80 -5.48 25.88
CA ASP A 151 8.88 -4.63 24.72
C ASP A 151 7.68 -3.67 24.66
N PHE A 152 7.93 -2.46 25.14
CA PHE A 152 7.02 -1.39 25.19
C PHE A 152 7.49 -0.24 24.32
N GLY A 153 8.29 -0.56 23.31
CA GLY A 153 8.81 0.45 22.39
C GLY A 153 7.76 1.02 21.44
N LEU A 154 6.68 0.27 21.20
CA LEU A 154 5.62 0.67 20.24
C LEU A 154 4.32 0.99 20.99
N ALA A 155 4.37 1.01 22.32
CA ALA A 155 3.17 1.15 23.17
C ALA A 155 2.71 2.62 23.17
N LYS A 156 1.41 2.82 23.42
CA LYS A 156 0.81 4.14 23.46
C LYS A 156 -0.31 4.15 24.52
N LYS A 157 -0.51 5.29 25.17
CA LYS A 157 -1.69 5.51 26.02
C LYS A 157 -2.96 5.54 25.13
N TYR A 158 -4.00 4.77 25.51
CA TYR A 158 -5.26 4.73 24.76
C TYR A 158 -6.34 5.52 25.50
N ARG A 159 -6.13 5.81 26.78
CA ARG A 159 -7.02 6.70 27.55
C ARG A 159 -6.17 7.55 28.51
N ASP A 160 -6.71 8.72 28.92
CA ASP A 160 -6.13 9.57 29.98
C ASP A 160 -6.17 8.81 31.32
N ALA A 161 -5.04 8.80 32.01
CA ALA A 161 -4.88 8.06 33.26
C ALA A 161 -6.00 8.43 34.25
N ARG A 162 -6.38 9.71 34.30
CA ARG A 162 -7.30 10.22 35.31
C ARG A 162 -8.73 10.20 34.78
N THR A 163 -8.95 10.83 33.62
CA THR A 163 -10.29 11.08 33.08
C THR A 163 -10.81 9.86 32.31
N HIS A 164 -9.96 8.82 32.14
CA HIS A 164 -10.34 7.57 31.44
C HIS A 164 -10.97 7.93 30.07
N GLN A 165 -10.51 9.05 29.49
CA GLN A 165 -11.03 9.53 28.20
C GLN A 165 -10.24 8.87 27.07
N HIS A 166 -10.95 8.03 26.30
CA HIS A 166 -10.39 7.32 25.16
C HIS A 166 -9.77 8.34 24.21
N ILE A 167 -8.65 7.97 23.58
CA ILE A 167 -8.07 8.69 22.44
C ILE A 167 -9.09 8.66 21.29
N PRO A 168 -9.07 9.69 20.41
CA PRO A 168 -10.02 9.76 19.30
C PRO A 168 -9.78 8.71 18.21
N TYR A 169 -10.88 8.26 17.58
CA TYR A 169 -10.89 7.50 16.35
C TYR A 169 -10.13 8.28 15.28
N ARG A 170 -9.08 7.69 14.72
CA ARG A 170 -8.27 8.32 13.67
C ARG A 170 -8.13 7.31 12.54
N GLU A 171 -7.87 7.83 11.33
CA GLU A 171 -7.64 7.06 10.13
C GLU A 171 -6.27 7.42 9.56
N ASN A 172 -5.95 6.76 8.44
CA ASN A 172 -4.84 7.12 7.51
C ASN A 172 -3.52 7.02 8.25
N LYS A 173 -3.28 5.87 8.90
CA LYS A 173 -2.09 5.63 9.68
C LYS A 173 -1.19 4.64 8.93
N ASN A 174 0.00 4.43 9.47
CA ASN A 174 0.99 3.46 8.99
C ASN A 174 0.84 2.17 9.82
N LEU A 175 1.33 1.05 9.29
CA LEU A 175 1.41 -0.18 10.10
C LEU A 175 2.76 -0.22 10.83
N THR A 176 2.72 0.05 12.13
CA THR A 176 3.95 0.27 12.94
C THR A 176 4.59 -1.07 13.39
N GLY A 177 3.78 -2.08 13.80
CA GLY A 177 4.27 -3.32 14.41
C GLY A 177 4.62 -4.39 13.38
N THR A 178 4.28 -5.64 13.72
CA THR A 178 4.53 -6.80 12.86
C THR A 178 3.26 -7.13 12.06
N ALA A 179 3.41 -7.23 10.73
CA ALA A 179 2.27 -7.34 9.78
C ALA A 179 1.58 -8.71 9.93
N ARG A 180 2.35 -9.72 10.35
CA ARG A 180 1.85 -11.07 10.39
C ARG A 180 0.64 -11.15 11.34
N TYR A 181 0.71 -10.44 12.47
CA TYR A 181 -0.25 -10.59 13.54
C TYR A 181 -1.19 -9.37 13.63
N ALA A 182 -0.97 -8.37 12.76
CA ALA A 182 -1.75 -7.14 12.80
C ALA A 182 -3.24 -7.41 12.52
N SER A 183 -4.10 -6.57 13.13
CA SER A 183 -5.55 -6.63 12.95
C SER A 183 -5.96 -6.10 11.58
N ILE A 184 -7.15 -6.56 11.12
CA ILE A 184 -7.74 -6.04 9.90
C ILE A 184 -7.88 -4.51 10.01
N ASN A 185 -8.37 -4.01 11.14
CA ASN A 185 -8.55 -2.57 11.28
C ASN A 185 -7.19 -1.85 11.18
N THR A 186 -6.10 -2.50 11.62
CA THR A 186 -4.77 -1.90 11.52
C THR A 186 -4.38 -1.81 10.05
N HIS A 187 -4.64 -2.87 9.27
CA HIS A 187 -4.38 -2.85 7.81
C HIS A 187 -5.20 -1.76 7.12
N LEU A 188 -6.40 -1.46 7.65
CA LEU A 188 -7.27 -0.43 7.08
C LEU A 188 -6.78 0.97 7.48
N GLY A 189 -5.79 1.03 8.38
CA GLY A 189 -5.14 2.25 8.76
C GLY A 189 -5.81 2.94 9.94
N ILE A 190 -6.69 2.21 10.65
CA ILE A 190 -7.43 2.75 11.79
C ILE A 190 -6.55 2.68 13.04
N GLU A 191 -6.79 3.65 13.94
CA GLU A 191 -6.10 3.77 15.21
C GLU A 191 -6.33 2.51 16.04
N GLN A 192 -5.25 1.99 16.64
CA GLN A 192 -5.25 0.77 17.44
C GLN A 192 -5.86 1.04 18.82
N SER A 193 -6.64 0.08 19.31
CA SER A 193 -7.18 0.12 20.67
C SER A 193 -7.13 -1.29 21.26
N ARG A 194 -7.83 -1.49 22.38
CA ARG A 194 -7.73 -2.71 23.18
C ARG A 194 -8.02 -3.95 22.31
N ARG A 195 -9.02 -3.82 21.43
CA ARG A 195 -9.52 -4.95 20.61
C ARG A 195 -8.37 -5.49 19.73
N ASP A 196 -7.50 -4.59 19.29
CA ASP A 196 -6.48 -4.89 18.35
C ASP A 196 -5.39 -5.76 19.01
N ASP A 197 -4.95 -5.42 20.21
CA ASP A 197 -4.02 -6.30 20.93
C ASP A 197 -4.59 -7.72 21.01
N LEU A 198 -5.91 -7.86 21.26
CA LEU A 198 -6.54 -9.18 21.49
C LEU A 198 -6.68 -9.96 20.17
N GLU A 199 -7.01 -9.28 19.08
CA GLU A 199 -7.15 -9.92 17.77
C GLU A 199 -5.77 -10.49 17.39
N SER A 200 -4.73 -9.70 17.62
CA SER A 200 -3.36 -10.11 17.32
C SER A 200 -2.99 -11.36 18.13
N LEU A 201 -3.38 -11.40 19.39
CA LEU A 201 -3.18 -12.61 20.17
C LEU A 201 -3.87 -13.79 19.50
N GLY A 202 -5.10 -13.56 19.01
CA GLY A 202 -5.92 -14.57 18.28
C GLY A 202 -5.16 -15.22 17.13
N TYR A 203 -4.43 -14.41 16.35
CA TYR A 203 -3.64 -14.89 15.24
C TYR A 203 -2.40 -15.64 15.79
N VAL A 204 -1.82 -15.14 16.89
CA VAL A 204 -0.66 -15.84 17.49
C VAL A 204 -1.08 -17.27 17.87
N LEU A 205 -2.26 -17.42 18.45
CA LEU A 205 -2.69 -18.72 18.96
C LEU A 205 -2.88 -19.70 17.80
N MET A 206 -3.46 -19.25 16.67
CA MET A 206 -3.69 -20.10 15.52
C MET A 206 -2.36 -20.46 14.85
N TYR A 207 -1.41 -19.52 14.92
CA TYR A 207 -0.05 -19.70 14.47
C TYR A 207 0.56 -20.92 15.20
N PHE A 208 0.38 -21.00 16.52
CA PHE A 208 0.92 -22.09 17.30
C PHE A 208 0.26 -23.41 16.91
N ASN A 209 -1.04 -23.34 16.59
CA ASN A 209 -1.86 -24.48 16.17
C ASN A 209 -1.40 -25.02 14.80
N LEU A 210 -1.13 -24.10 13.87
CA LEU A 210 -0.92 -24.45 12.44
C LEU A 210 0.57 -24.64 12.10
N GLY A 211 1.48 -23.96 12.83
CA GLY A 211 2.90 -23.92 12.47
C GLY A 211 3.25 -22.72 11.61
N SER A 212 2.25 -22.18 10.94
CA SER A 212 2.36 -20.91 10.26
C SER A 212 0.95 -20.35 10.04
N LEU A 213 0.87 -19.17 9.44
CA LEU A 213 -0.39 -18.55 9.09
C LEU A 213 -0.47 -18.48 7.57
N PRO A 214 -1.69 -18.54 6.96
CA PRO A 214 -1.85 -18.65 5.51
C PRO A 214 -1.34 -17.44 4.71
N TRP A 215 -1.19 -16.27 5.36
CA TRP A 215 -0.69 -15.06 4.71
C TRP A 215 0.81 -14.90 5.00
N GLN A 216 1.41 -15.95 5.56
CA GLN A 216 2.84 -15.98 5.81
C GLN A 216 3.55 -16.35 4.52
N GLY A 217 4.71 -15.68 4.30
CA GLY A 217 5.68 -16.04 3.26
C GLY A 217 5.23 -15.64 1.87
N LEU A 218 4.50 -14.53 1.77
CA LEU A 218 4.09 -13.98 0.49
C LEU A 218 5.24 -13.18 -0.12
N LYS A 219 5.65 -13.56 -1.33
CA LYS A 219 6.59 -12.80 -2.12
C LYS A 219 5.90 -11.52 -2.60
N ALA A 220 6.70 -10.45 -2.69
CA ALA A 220 6.38 -9.22 -3.39
C ALA A 220 7.67 -8.43 -3.61
N ALA A 221 7.61 -7.45 -4.52
CA ALA A 221 8.79 -6.69 -4.93
C ALA A 221 9.23 -5.74 -3.80
N THR A 222 8.29 -4.90 -3.34
CA THR A 222 8.56 -3.88 -2.30
C THR A 222 7.96 -4.34 -0.97
N LYS A 223 8.24 -3.58 0.09
CA LYS A 223 7.75 -3.85 1.44
C LYS A 223 6.28 -3.44 1.56
N ARG A 224 5.95 -2.24 1.08
CA ARG A 224 4.61 -1.68 1.18
C ARG A 224 3.64 -2.53 0.33
N GLN A 225 4.17 -3.18 -0.72
CA GLN A 225 3.42 -4.10 -1.58
C GLN A 225 3.13 -5.38 -0.80
N LYS A 226 4.08 -5.79 0.05
CA LYS A 226 3.97 -7.01 0.85
C LYS A 226 2.86 -6.85 1.91
N TYR A 227 2.81 -5.69 2.56
CA TYR A 227 1.77 -5.37 3.51
C TYR A 227 0.39 -5.37 2.82
N GLU A 228 0.30 -4.79 1.63
CA GLU A 228 -0.95 -4.82 0.83
C GLU A 228 -1.39 -6.28 0.62
N ARG A 229 -0.42 -7.16 0.32
CA ARG A 229 -0.72 -8.56 -0.02
C ARG A 229 -1.19 -9.32 1.23
N ILE A 230 -0.62 -8.98 2.39
CA ILE A 230 -0.97 -9.64 3.67
C ILE A 230 -2.40 -9.21 4.06
N SER A 231 -2.64 -7.91 4.01
CA SER A 231 -3.95 -7.32 4.27
C SER A 231 -5.03 -8.01 3.46
N GLU A 232 -4.78 -8.20 2.15
CA GLU A 232 -5.76 -8.72 1.22
C GLU A 232 -6.05 -10.19 1.54
N LYS A 233 -4.98 -10.92 1.85
CA LYS A 233 -5.08 -12.33 2.17
C LYS A 233 -5.92 -12.52 3.46
N LYS A 234 -5.63 -11.70 4.47
CA LYS A 234 -6.35 -11.74 5.75
C LYS A 234 -7.84 -11.46 5.51
N MET A 235 -8.11 -10.43 4.71
CA MET A 235 -9.45 -9.95 4.53
C MET A 235 -10.25 -10.91 3.61
N SER A 236 -9.56 -11.75 2.82
CA SER A 236 -10.23 -12.75 1.97
C SER A 236 -10.18 -14.17 2.56
N THR A 237 -9.67 -14.34 3.79
CA THR A 237 -9.62 -15.65 4.48
C THR A 237 -10.63 -15.65 5.64
N PRO A 238 -11.87 -16.15 5.43
CA PRO A 238 -12.87 -16.26 6.51
C PRO A 238 -12.30 -16.96 7.76
N ILE A 239 -12.81 -16.56 8.93
CA ILE A 239 -12.34 -17.08 10.21
C ILE A 239 -12.61 -18.60 10.31
N GLU A 240 -13.73 -19.07 9.71
CA GLU A 240 -14.00 -20.50 9.74
C GLU A 240 -12.98 -21.29 8.88
N VAL A 241 -12.36 -20.62 7.90
CA VAL A 241 -11.38 -21.30 7.06
C VAL A 241 -10.02 -21.29 7.79
N LEU A 242 -9.65 -20.13 8.35
CA LEU A 242 -8.41 -20.02 9.13
C LEU A 242 -8.36 -21.13 10.20
N CYS A 243 -9.51 -21.34 10.85
CA CYS A 243 -9.56 -22.16 12.07
C CYS A 243 -10.09 -23.58 11.81
N LYS A 244 -10.35 -23.96 10.53
CA LYS A 244 -10.83 -25.29 10.20
C LYS A 244 -9.92 -26.36 10.81
N GLY A 245 -10.56 -27.33 11.47
CA GLY A 245 -9.85 -28.49 12.04
C GLY A 245 -9.30 -28.24 13.45
N TYR A 246 -9.60 -27.10 14.07
CA TYR A 246 -9.25 -26.84 15.48
C TYR A 246 -10.51 -26.55 16.26
N PRO A 247 -10.52 -26.68 17.61
CA PRO A 247 -11.72 -26.41 18.39
C PRO A 247 -12.31 -25.04 18.04
N SER A 248 -13.64 -24.97 17.99
CA SER A 248 -14.35 -23.77 17.53
C SER A 248 -13.96 -22.53 18.34
N GLU A 249 -13.48 -22.73 19.56
CA GLU A 249 -13.16 -21.62 20.51
C GLU A 249 -12.19 -20.59 19.88
N PHE A 250 -11.24 -21.07 19.10
CA PHE A 250 -10.29 -20.17 18.43
C PHE A 250 -11.04 -19.19 17.49
N ALA A 251 -12.11 -19.68 16.85
CA ALA A 251 -12.90 -18.95 15.89
C ALA A 251 -13.85 -18.00 16.62
N THR A 252 -14.46 -18.51 17.69
CA THR A 252 -15.38 -17.77 18.52
C THR A 252 -14.64 -16.56 19.13
N TYR A 253 -13.37 -16.77 19.57
CA TYR A 253 -12.48 -15.71 20.12
C TYR A 253 -12.16 -14.63 19.08
N LEU A 254 -11.79 -15.04 17.86
CA LEU A 254 -11.43 -14.06 16.79
C LEU A 254 -12.65 -13.28 16.31
N ASN A 255 -13.82 -13.94 16.27
CA ASN A 255 -15.08 -13.30 15.83
C ASN A 255 -15.46 -12.21 16.84
N PHE A 256 -15.34 -12.56 18.14
CA PHE A 256 -15.68 -11.66 19.22
C PHE A 256 -14.78 -10.43 19.16
N CYS A 257 -13.46 -10.65 18.98
CA CYS A 257 -12.52 -9.56 18.87
C CYS A 257 -12.90 -8.66 17.69
N ARG A 258 -13.20 -9.24 16.53
CA ARG A 258 -13.55 -8.45 15.31
C ARG A 258 -14.90 -7.71 15.49
N SER A 259 -15.73 -8.10 16.46
CA SER A 259 -17.03 -7.45 16.71
C SER A 259 -16.90 -6.20 17.61
N LEU A 260 -15.74 -6.03 18.26
CA LEU A 260 -15.55 -5.01 19.26
C LEU A 260 -15.58 -3.63 18.60
N ARG A 261 -16.22 -2.69 19.28
CA ARG A 261 -16.17 -1.29 18.89
C ARG A 261 -14.85 -0.68 19.37
N PHE A 262 -14.43 0.40 18.68
CA PHE A 262 -13.18 1.09 18.91
C PHE A 262 -12.89 1.27 20.40
N ASP A 263 -13.89 1.78 21.16
CA ASP A 263 -13.65 2.16 22.54
C ASP A 263 -14.32 1.19 23.51
N ASP A 264 -14.71 0.00 23.05
CA ASP A 264 -15.25 -1.03 23.93
C ASP A 264 -14.13 -1.57 24.85
N LYS A 265 -14.50 -1.79 26.11
CA LYS A 265 -13.72 -2.56 27.02
C LYS A 265 -14.01 -4.04 26.76
N PRO A 266 -13.01 -4.82 26.32
CA PRO A 266 -13.20 -6.25 26.07
C PRO A 266 -13.59 -7.02 27.34
N ASP A 267 -14.36 -8.09 27.16
CA ASP A 267 -14.71 -8.99 28.24
C ASP A 267 -13.60 -10.07 28.32
N TYR A 268 -12.42 -9.68 28.83
CA TYR A 268 -11.23 -10.56 29.04
C TYR A 268 -11.66 -11.85 29.76
N SER A 269 -12.48 -11.69 30.79
CA SER A 269 -12.96 -12.78 31.58
C SER A 269 -13.66 -13.81 30.69
N TYR A 270 -14.55 -13.31 29.81
CA TYR A 270 -15.28 -14.19 28.90
C TYR A 270 -14.29 -14.97 28.03
N LEU A 271 -13.23 -14.32 27.55
CA LEU A 271 -12.28 -14.94 26.62
C LEU A 271 -11.48 -16.01 27.37
N ARG A 272 -11.16 -15.75 28.64
CA ARG A 272 -10.39 -16.73 29.43
C ARG A 272 -11.27 -17.94 29.68
N GLN A 273 -12.55 -17.68 30.00
CA GLN A 273 -13.49 -18.75 30.35
C GLN A 273 -13.74 -19.67 29.16
N LEU A 274 -13.65 -19.09 27.96
CA LEU A 274 -13.83 -19.79 26.70
C LEU A 274 -12.81 -20.94 26.60
N PHE A 275 -11.53 -20.60 26.79
CA PHE A 275 -10.46 -21.55 26.65
C PHE A 275 -10.41 -22.48 27.87
N ARG A 276 -10.84 -21.99 29.04
CA ARG A 276 -10.90 -22.79 30.30
C ARG A 276 -11.90 -23.95 30.16
N ASN A 277 -13.09 -23.65 29.60
CA ASN A 277 -14.13 -24.63 29.40
C ASN A 277 -13.64 -25.71 28.43
N LEU A 278 -13.00 -25.29 27.33
CA LEU A 278 -12.34 -26.22 26.38
C LEU A 278 -11.28 -27.09 27.09
N PHE A 279 -10.46 -26.45 27.91
CA PHE A 279 -9.41 -27.09 28.68
C PHE A 279 -10.00 -28.23 29.53
N HIS A 280 -11.14 -27.95 30.19
CA HIS A 280 -11.79 -28.91 31.12
C HIS A 280 -12.44 -30.05 30.33
N ARG A 281 -13.05 -29.73 29.18
CA ARG A 281 -13.69 -30.72 28.31
C ARG A 281 -12.64 -31.72 27.79
N GLN A 282 -11.41 -31.26 27.54
CA GLN A 282 -10.34 -32.13 27.07
C GLN A 282 -9.74 -32.95 28.24
N GLY A 283 -10.05 -32.62 29.48
CA GLY A 283 -9.55 -33.35 30.66
C GLY A 283 -8.11 -33.00 31.01
N PHE A 284 -7.63 -31.82 30.57
CA PHE A 284 -6.31 -31.32 30.94
C PHE A 284 -6.32 -30.78 32.38
N SER A 285 -5.13 -30.78 33.01
CA SER A 285 -4.92 -30.20 34.36
C SER A 285 -4.00 -28.98 34.24
N TYR A 286 -4.34 -27.88 34.94
CA TYR A 286 -3.49 -26.70 35.00
C TYR A 286 -2.31 -27.00 35.94
N ASP A 287 -1.31 -27.76 35.44
CA ASP A 287 -0.13 -28.23 36.19
C ASP A 287 1.16 -27.63 35.59
N TYR A 288 1.01 -26.75 34.57
CA TYR A 288 2.08 -25.93 34.00
C TYR A 288 3.19 -26.80 33.40
N VAL A 289 2.85 -28.00 32.93
CA VAL A 289 3.78 -28.83 32.22
C VAL A 289 3.57 -28.60 30.73
N PHE A 290 4.40 -27.72 30.15
CA PHE A 290 4.38 -27.37 28.74
C PHE A 290 5.15 -28.42 27.95
N ASP A 291 4.99 -28.42 26.63
CA ASP A 291 5.62 -29.43 25.79
C ASP A 291 7.13 -29.50 26.04
N TRP A 292 7.75 -28.34 26.21
CA TRP A 292 9.19 -28.27 26.27
C TRP A 292 9.71 -28.80 27.62
N ASN A 293 8.83 -28.92 28.62
CA ASN A 293 9.20 -29.48 29.96
C ASN A 293 9.39 -31.00 29.85
N MET A 294 8.88 -31.62 28.78
CA MET A 294 8.86 -33.07 28.66
C MET A 294 10.03 -33.54 27.78
N LEU A 295 10.82 -32.59 27.26
CA LEU A 295 12.07 -32.92 26.57
C LEU A 295 13.05 -33.57 27.55
N LYS A 296 13.94 -34.41 27.02
CA LYS A 296 14.82 -35.25 27.86
C LYS A 296 16.19 -35.43 27.19
N LEU B 5 -31.48 30.06 -1.84
CA LEU B 5 -31.36 30.41 -0.38
C LEU B 5 -30.66 31.78 -0.25
N ARG B 6 -30.91 32.47 0.88
CA ARG B 6 -30.21 33.72 1.28
C ARG B 6 -28.95 33.42 2.10
N VAL B 7 -27.91 32.89 1.42
CA VAL B 7 -26.63 32.56 2.05
C VAL B 7 -25.88 33.86 2.32
N GLY B 8 -25.22 33.95 3.49
CA GLY B 8 -24.77 35.21 4.02
C GLY B 8 -25.93 36.18 4.10
N ASN B 9 -25.62 37.44 3.85
CA ASN B 9 -26.62 38.45 3.77
C ASN B 9 -27.00 38.67 2.30
N ARG B 10 -26.02 38.47 1.41
CA ARG B 10 -25.94 39.13 0.13
C ARG B 10 -25.60 38.13 -0.97
N TYR B 11 -25.75 36.82 -0.71
CA TYR B 11 -25.47 35.81 -1.74
C TYR B 11 -26.73 34.99 -1.97
N ARG B 12 -27.11 34.84 -3.23
CA ARG B 12 -28.15 33.93 -3.70
C ARG B 12 -27.48 32.64 -4.16
N LEU B 13 -27.93 31.51 -3.62
CA LEU B 13 -27.48 30.23 -4.10
C LEU B 13 -28.25 29.87 -5.40
N GLY B 14 -27.52 29.31 -6.37
CA GLY B 14 -28.07 28.75 -7.62
C GLY B 14 -27.96 27.24 -7.66
N ARG B 15 -27.90 26.67 -8.86
CA ARG B 15 -27.88 25.21 -9.07
C ARG B 15 -26.42 24.74 -9.00
N LYS B 16 -26.23 23.44 -8.76
CA LYS B 16 -24.90 22.83 -8.63
C LYS B 16 -24.10 23.07 -9.92
N ILE B 17 -22.78 23.13 -9.78
CA ILE B 17 -21.85 23.25 -10.90
C ILE B 17 -21.15 21.90 -11.10
N GLY B 18 -20.59 21.35 -10.02
CA GLY B 18 -20.24 19.91 -9.98
C GLY B 18 -19.63 19.47 -8.64
N SER B 19 -18.48 18.77 -8.74
CA SER B 19 -17.56 18.50 -7.63
C SER B 19 -16.16 18.23 -8.23
N GLY B 23 -17.56 19.82 -0.24
CA GLY B 23 -18.80 19.21 -0.70
C GLY B 23 -19.06 19.54 -2.15
N ASP B 24 -20.32 19.90 -2.47
CA ASP B 24 -20.71 20.29 -3.81
C ASP B 24 -20.43 21.78 -4.04
N ILE B 25 -20.31 22.14 -5.32
CA ILE B 25 -19.99 23.47 -5.81
C ILE B 25 -21.24 24.03 -6.50
N TYR B 26 -21.59 25.28 -6.19
CA TYR B 26 -22.79 25.91 -6.77
C TYR B 26 -22.44 27.23 -7.45
N LEU B 27 -23.21 27.58 -8.49
CA LEU B 27 -23.27 28.93 -9.02
C LEU B 27 -24.11 29.77 -8.06
N GLY B 28 -23.70 31.03 -7.90
CA GLY B 28 -24.38 31.94 -7.03
C GLY B 28 -24.23 33.33 -7.55
N THR B 29 -24.88 34.29 -6.89
CA THR B 29 -24.80 35.67 -7.23
C THR B 29 -24.51 36.49 -5.96
N ASP B 30 -23.53 37.38 -6.06
CA ASP B 30 -23.39 38.45 -5.12
C ASP B 30 -24.42 39.52 -5.49
N ILE B 31 -25.60 39.42 -4.90
CA ILE B 31 -26.74 40.30 -5.15
C ILE B 31 -26.33 41.77 -5.01
N ALA B 32 -25.49 42.07 -4.00
CA ALA B 32 -25.14 43.43 -3.64
C ALA B 32 -24.23 44.09 -4.68
N ALA B 33 -23.25 43.32 -5.17
CA ALA B 33 -22.22 43.84 -6.10
C ALA B 33 -22.60 43.54 -7.56
N GLY B 34 -23.58 42.67 -7.77
CA GLY B 34 -24.00 42.26 -9.11
C GLY B 34 -22.94 41.46 -9.84
N GLU B 35 -22.34 40.48 -9.16
CA GLU B 35 -21.28 39.57 -9.76
C GLU B 35 -21.66 38.13 -9.44
N GLU B 36 -21.39 37.20 -10.35
CA GLU B 36 -21.54 35.77 -10.08
C GLU B 36 -20.35 35.34 -9.21
N VAL B 37 -20.61 34.26 -8.44
CA VAL B 37 -19.69 33.67 -7.47
C VAL B 37 -19.81 32.13 -7.52
N ALA B 38 -18.82 31.46 -6.92
CA ALA B 38 -18.84 30.00 -6.71
C ALA B 38 -19.04 29.73 -5.21
N ILE B 39 -19.95 28.83 -4.87
CA ILE B 39 -20.23 28.55 -3.47
C ILE B 39 -20.01 27.06 -3.18
N LYS B 40 -19.24 26.77 -2.13
CA LYS B 40 -18.98 25.42 -1.70
C LYS B 40 -19.66 25.20 -0.35
N LEU B 41 -20.58 24.24 -0.30
CA LEU B 41 -21.30 23.89 0.91
C LEU B 41 -20.71 22.59 1.48
N GLU B 42 -20.70 22.49 2.81
CA GLU B 42 -20.40 21.25 3.54
C GLU B 42 -21.36 21.13 4.72
N CYS B 43 -22.00 19.95 4.84
CA CYS B 43 -22.93 19.66 5.94
C CYS B 43 -22.19 19.80 7.28
N VAL B 44 -22.90 20.31 8.29
CA VAL B 44 -22.28 20.70 9.56
C VAL B 44 -21.80 19.43 10.28
N LYS B 45 -22.51 18.32 10.09
CA LYS B 45 -22.08 17.01 10.61
C LYS B 45 -21.77 16.07 9.44
N THR B 46 -20.52 16.14 8.96
CA THR B 46 -19.89 15.07 8.21
C THR B 46 -19.03 14.26 9.19
N LYS B 47 -18.64 13.05 8.78
CA LYS B 47 -17.65 12.25 9.51
C LYS B 47 -16.27 12.93 9.40
N HIS B 48 -16.00 13.54 8.24
CA HIS B 48 -14.72 14.15 7.92
C HIS B 48 -14.92 15.63 7.54
N PRO B 49 -15.08 16.53 8.54
CA PRO B 49 -15.11 17.97 8.27
C PRO B 49 -13.79 18.48 7.69
N GLN B 50 -13.85 19.19 6.55
CA GLN B 50 -12.64 19.59 5.81
C GLN B 50 -12.67 21.07 5.39
N LEU B 51 -13.87 21.63 5.21
CA LEU B 51 -14.02 22.92 4.52
C LEU B 51 -13.34 24.02 5.33
N HIS B 52 -13.56 24.02 6.65
CA HIS B 52 -13.03 25.03 7.51
C HIS B 52 -11.51 24.98 7.49
N ILE B 53 -10.95 23.76 7.47
CA ILE B 53 -9.49 23.59 7.40
C ILE B 53 -8.98 24.15 6.06
N GLU B 54 -9.64 23.74 4.98
CA GLU B 54 -9.29 24.18 3.63
C GLU B 54 -9.36 25.71 3.52
N SER B 55 -10.39 26.31 4.14
CA SER B 55 -10.63 27.75 4.06
C SER B 55 -9.49 28.51 4.73
N LYS B 56 -8.98 27.95 5.82
CA LYS B 56 -7.80 28.53 6.52
C LYS B 56 -6.61 28.64 5.55
N ILE B 57 -6.42 27.60 4.72
CA ILE B 57 -5.29 27.55 3.81
C ILE B 57 -5.54 28.53 2.66
N TYR B 58 -6.75 28.53 2.08
CA TYR B 58 -7.09 29.47 0.99
C TYR B 58 -6.86 30.92 1.45
N LYS B 59 -7.14 31.19 2.73
CA LYS B 59 -6.97 32.52 3.32
C LYS B 59 -5.48 32.89 3.39
N MET B 60 -4.63 31.95 3.81
CA MET B 60 -3.18 32.18 3.89
C MET B 60 -2.60 32.43 2.48
N MET B 61 -3.20 31.84 1.44
CA MET B 61 -2.76 32.01 0.03
C MET B 61 -3.22 33.35 -0.56
N GLN B 62 -4.25 33.99 0.01
CA GLN B 62 -4.89 35.20 -0.59
C GLN B 62 -3.81 36.24 -0.95
N GLY B 63 -3.99 36.93 -2.08
CA GLY B 63 -3.09 37.98 -2.56
C GLY B 63 -2.14 37.47 -3.65
N GLY B 64 -1.96 36.17 -3.72
CA GLY B 64 -1.10 35.57 -4.72
C GLY B 64 -1.76 35.59 -6.09
N VAL B 65 -0.92 35.75 -7.11
CA VAL B 65 -1.33 35.63 -8.49
C VAL B 65 -1.99 34.25 -8.68
N GLY B 66 -3.21 34.23 -9.21
CA GLY B 66 -3.84 32.99 -9.61
C GLY B 66 -4.29 32.14 -8.45
N ILE B 67 -4.42 32.76 -7.27
CA ILE B 67 -5.18 32.21 -6.15
C ILE B 67 -6.57 32.81 -6.18
N PRO B 68 -7.64 31.99 -6.20
CA PRO B 68 -9.00 32.53 -6.16
C PRO B 68 -9.26 33.32 -4.87
N THR B 69 -10.05 34.40 -4.97
CA THR B 69 -10.34 35.34 -3.85
C THR B 69 -11.56 34.85 -3.09
N ILE B 70 -11.42 34.60 -1.79
CA ILE B 70 -12.56 34.36 -0.85
C ILE B 70 -13.40 35.64 -0.78
N ARG B 71 -14.72 35.50 -1.03
CA ARG B 71 -15.66 36.60 -0.80
C ARG B 71 -16.17 36.54 0.65
N TRP B 72 -16.43 35.30 1.12
CA TRP B 72 -17.13 35.07 2.39
C TRP B 72 -16.94 33.61 2.86
N CYS B 73 -16.68 33.46 4.17
CA CYS B 73 -16.85 32.18 4.89
C CYS B 73 -17.83 32.37 6.05
N GLY B 74 -18.60 31.32 6.32
CA GLY B 74 -19.51 31.32 7.44
C GLY B 74 -20.25 30.00 7.56
N ALA B 75 -21.36 30.02 8.27
CA ALA B 75 -22.28 28.93 8.33
C ALA B 75 -23.70 29.48 8.18
N GLU B 76 -24.55 28.72 7.48
CA GLU B 76 -25.97 29.01 7.30
C GLU B 76 -26.74 27.70 7.34
N GLY B 77 -27.76 27.66 8.23
CA GLY B 77 -28.58 26.48 8.41
C GLY B 77 -27.74 25.23 8.59
N ASP B 78 -27.91 24.27 7.69
CA ASP B 78 -27.39 22.90 7.83
C ASP B 78 -25.94 22.82 7.31
N TYR B 79 -25.34 23.98 6.96
CA TYR B 79 -24.18 24.02 6.06
C TYR B 79 -23.10 24.96 6.59
N ASN B 80 -21.84 24.57 6.35
CA ASN B 80 -20.71 25.48 6.33
C ASN B 80 -20.50 25.93 4.88
N VAL B 81 -20.01 27.14 4.68
CA VAL B 81 -20.13 27.81 3.40
C VAL B 81 -18.83 28.55 3.13
N MET B 82 -18.33 28.45 1.89
CA MET B 82 -17.26 29.33 1.39
C MET B 82 -17.71 29.87 0.04
N VAL B 83 -17.50 31.17 -0.19
CA VAL B 83 -17.85 31.85 -1.47
C VAL B 83 -16.57 32.41 -2.11
N MET B 84 -16.37 32.09 -3.38
CA MET B 84 -15.22 32.54 -4.19
C MET B 84 -15.71 33.34 -5.41
N GLU B 85 -14.90 34.30 -5.87
CA GLU B 85 -15.07 34.85 -7.20
C GLU B 85 -15.21 33.65 -8.18
N LEU B 86 -16.14 33.78 -9.13
CA LEU B 86 -16.34 32.75 -10.15
C LEU B 86 -15.09 32.61 -11.04
N LEU B 87 -14.74 31.36 -11.36
CA LEU B 87 -13.74 31.08 -12.34
C LEU B 87 -14.39 30.27 -13.48
N GLY B 88 -13.60 30.11 -14.54
CA GLY B 88 -13.96 29.39 -15.71
C GLY B 88 -13.50 27.93 -15.67
N PRO B 89 -13.55 27.24 -16.84
CA PRO B 89 -13.37 25.79 -16.89
C PRO B 89 -11.93 25.35 -16.52
N SER B 90 -11.81 24.09 -16.11
CA SER B 90 -10.53 23.51 -15.76
C SER B 90 -9.72 23.25 -17.02
N LEU B 91 -8.45 22.86 -16.85
CA LEU B 91 -7.59 22.46 -17.96
C LEU B 91 -8.03 21.08 -18.49
N GLU B 92 -8.60 20.22 -17.61
CA GLU B 92 -9.15 18.96 -18.08
C GLU B 92 -10.33 19.26 -19.01
N ASP B 93 -11.25 20.13 -18.57
CA ASP B 93 -12.44 20.48 -19.34
C ASP B 93 -11.98 21.08 -20.67
N LEU B 94 -11.04 22.04 -20.65
CA LEU B 94 -10.58 22.73 -21.89
C LEU B 94 -9.80 21.73 -22.78
N PHE B 95 -9.07 20.79 -22.16
CA PHE B 95 -8.37 19.71 -22.92
C PHE B 95 -9.41 18.82 -23.64
N ASN B 96 -10.47 18.42 -22.94
CA ASN B 96 -11.54 17.62 -23.54
C ASN B 96 -12.22 18.42 -24.66
N PHE B 97 -12.41 19.71 -24.45
CA PHE B 97 -13.10 20.58 -25.40
C PHE B 97 -12.24 20.75 -26.66
N CYS B 98 -10.94 20.51 -26.54
CA CYS B 98 -9.97 20.68 -27.63
C CYS B 98 -9.59 19.32 -28.24
N SER B 99 -10.40 18.29 -28.00
CA SER B 99 -10.18 16.94 -28.57
C SER B 99 -8.91 16.27 -28.02
N ARG B 100 -8.51 16.66 -26.80
CA ARG B 100 -7.44 16.02 -26.05
C ARG B 100 -6.12 16.17 -26.82
N LYS B 101 -5.95 17.37 -27.40
CA LYS B 101 -4.77 17.77 -28.14
C LYS B 101 -4.52 19.27 -27.86
N PHE B 102 -3.39 19.57 -27.21
CA PHE B 102 -2.89 20.95 -27.09
C PHE B 102 -1.62 21.13 -27.92
N SER B 103 -1.51 22.29 -28.59
CA SER B 103 -0.31 22.67 -29.36
C SER B 103 0.87 22.85 -28.38
N LEU B 104 2.08 22.89 -28.91
CA LEU B 104 3.25 23.11 -28.09
C LEU B 104 3.14 24.50 -27.42
N LYS B 105 2.65 25.47 -28.18
CA LYS B 105 2.56 26.85 -27.70
C LYS B 105 1.70 26.90 -26.42
N THR B 106 0.58 26.22 -26.44
CA THR B 106 -0.35 26.20 -25.32
C THR B 106 0.27 25.47 -24.12
N VAL B 107 0.90 24.32 -24.35
CA VAL B 107 1.55 23.59 -23.26
C VAL B 107 2.57 24.50 -22.57
N LEU B 108 3.40 25.20 -23.34
CA LEU B 108 4.46 26.03 -22.81
C LEU B 108 3.89 27.29 -22.11
N LEU B 109 2.78 27.86 -22.61
CA LEU B 109 2.14 29.01 -21.97
C LEU B 109 1.64 28.57 -20.60
N LEU B 110 1.02 27.37 -20.55
CA LEU B 110 0.45 26.82 -19.30
C LEU B 110 1.57 26.45 -18.31
N ALA B 111 2.65 25.84 -18.82
CA ALA B 111 3.74 25.36 -17.98
C ALA B 111 4.36 26.55 -17.21
N ASP B 112 4.49 27.69 -17.88
CA ASP B 112 5.13 28.84 -17.26
C ASP B 112 4.32 29.27 -16.02
N GLN B 113 2.99 29.39 -16.19
CA GLN B 113 2.13 29.85 -15.14
C GLN B 113 2.07 28.78 -14.03
N MET B 114 1.96 27.52 -14.43
CA MET B 114 1.72 26.40 -13.50
C MET B 114 2.91 26.19 -12.54
N ILE B 115 4.14 26.42 -13.02
CA ILE B 115 5.32 26.32 -12.18
C ILE B 115 5.23 27.43 -11.14
N SER B 116 4.83 28.63 -11.60
CA SER B 116 4.74 29.83 -10.77
C SER B 116 3.74 29.65 -9.62
N ARG B 117 2.64 28.92 -9.84
CA ARG B 117 1.60 28.77 -8.81
C ARG B 117 2.05 27.81 -7.72
N ILE B 118 2.64 26.70 -8.14
CA ILE B 118 3.20 25.71 -7.25
C ILE B 118 4.29 26.37 -6.39
N GLU B 119 5.10 27.24 -7.01
CA GLU B 119 6.17 27.94 -6.31
C GLU B 119 5.56 28.88 -5.25
N TYR B 120 4.46 29.56 -5.59
CA TYR B 120 3.79 30.45 -4.65
C TYR B 120 3.28 29.64 -3.45
N ILE B 121 2.54 28.55 -3.70
CA ILE B 121 2.06 27.68 -2.65
C ILE B 121 3.23 27.28 -1.73
N HIS B 122 4.38 26.89 -2.32
CA HIS B 122 5.53 26.40 -1.54
C HIS B 122 6.09 27.54 -0.69
N SER B 123 6.01 28.77 -1.22
CA SER B 123 6.46 29.97 -0.51
C SER B 123 5.59 30.22 0.74
N LYS B 124 4.38 29.70 0.74
CA LYS B 124 3.46 29.83 1.86
C LYS B 124 3.49 28.56 2.72
N ASN B 125 4.57 27.77 2.60
CA ASN B 125 4.93 26.70 3.54
C ASN B 125 4.05 25.44 3.34
N PHE B 126 3.36 25.34 2.20
CA PHE B 126 2.52 24.18 1.91
C PHE B 126 3.05 23.45 0.65
N ILE B 127 2.68 22.18 0.55
CA ILE B 127 2.72 21.40 -0.69
C ILE B 127 1.28 21.00 -1.00
N HIS B 128 0.98 20.86 -2.31
CA HIS B 128 -0.40 20.69 -2.83
C HIS B 128 -0.82 19.22 -2.77
N ARG B 129 -0.05 18.36 -3.49
CA ARG B 129 -0.12 16.87 -3.45
C ARG B 129 -1.31 16.33 -4.25
N ASP B 130 -1.89 17.18 -5.10
CA ASP B 130 -2.96 16.75 -6.03
C ASP B 130 -2.84 17.59 -7.30
N VAL B 131 -1.62 17.70 -7.82
CA VAL B 131 -1.34 18.41 -9.03
C VAL B 131 -1.84 17.55 -10.20
N LYS B 132 -2.90 18.05 -10.85
CA LYS B 132 -3.54 17.42 -11.97
C LYS B 132 -4.31 18.49 -12.75
N PRO B 133 -4.65 18.23 -14.04
CA PRO B 133 -5.32 19.24 -14.88
C PRO B 133 -6.65 19.80 -14.30
N ASP B 134 -7.28 19.03 -13.43
CA ASP B 134 -8.63 19.30 -12.88
C ASP B 134 -8.57 20.41 -11.81
N ASN B 135 -7.37 20.68 -11.29
CA ASN B 135 -7.20 21.57 -10.15
C ASN B 135 -6.55 22.88 -10.62
N PHE B 136 -6.52 23.10 -11.95
CA PHE B 136 -6.17 24.39 -12.54
C PHE B 136 -7.34 24.89 -13.37
N LEU B 137 -7.81 26.12 -13.07
CA LEU B 137 -8.95 26.71 -13.76
C LEU B 137 -8.51 28.00 -14.44
N MET B 138 -9.06 28.28 -15.64
CA MET B 138 -8.85 29.58 -16.26
C MET B 138 -9.83 30.58 -15.64
N GLY B 139 -9.37 31.83 -15.50
CA GLY B 139 -10.21 32.96 -15.10
C GLY B 139 -11.28 33.23 -16.15
N LEU B 140 -12.18 34.18 -15.83
CA LEU B 140 -13.22 34.69 -16.76
C LEU B 140 -12.93 36.16 -17.06
N GLY B 141 -13.49 36.68 -18.16
CA GLY B 141 -13.51 38.11 -18.44
C GLY B 141 -12.12 38.68 -18.65
N LYS B 142 -11.77 39.71 -17.86
CA LYS B 142 -10.45 40.37 -17.93
C LYS B 142 -9.33 39.40 -17.48
N LYS B 143 -9.71 38.37 -16.70
CA LYS B 143 -8.80 37.43 -16.07
C LYS B 143 -8.65 36.14 -16.89
N GLY B 144 -9.07 36.16 -18.15
CA GLY B 144 -9.22 34.96 -19.02
C GLY B 144 -7.89 34.34 -19.48
N ASN B 145 -6.80 35.10 -19.36
CA ASN B 145 -5.46 34.66 -19.74
C ASN B 145 -4.70 34.12 -18.51
N LEU B 146 -5.35 34.09 -17.36
CA LEU B 146 -4.72 33.75 -16.10
C LEU B 146 -5.14 32.33 -15.67
N VAL B 147 -4.12 31.51 -15.41
CA VAL B 147 -4.25 30.15 -14.83
C VAL B 147 -4.26 30.29 -13.32
N TYR B 148 -5.32 29.75 -12.70
CA TYR B 148 -5.52 29.67 -11.21
C TYR B 148 -5.35 28.24 -10.72
N ILE B 149 -4.96 28.09 -9.46
CA ILE B 149 -4.94 26.76 -8.82
C ILE B 149 -5.98 26.72 -7.71
N ILE B 150 -6.64 25.58 -7.54
CA ILE B 150 -7.68 25.35 -6.57
C ILE B 150 -7.38 24.06 -5.82
N ASP B 151 -8.20 23.80 -4.80
CA ASP B 151 -8.31 22.54 -4.10
C ASP B 151 -7.08 22.29 -3.21
N PHE B 152 -7.27 22.61 -1.94
CA PHE B 152 -6.29 22.47 -0.92
C PHE B 152 -6.74 21.44 0.11
N GLY B 153 -7.61 20.53 -0.30
CA GLY B 153 -8.13 19.49 0.57
C GLY B 153 -7.08 18.43 0.96
N LEU B 154 -6.04 18.26 0.12
CA LEU B 154 -4.99 17.24 0.33
C LEU B 154 -3.66 17.89 0.68
N ALA B 155 -3.66 19.22 0.90
CA ALA B 155 -2.42 19.99 1.15
C ALA B 155 -1.90 19.75 2.58
N LYS B 156 -0.60 19.94 2.76
CA LYS B 156 0.07 19.74 4.03
C LYS B 156 1.19 20.78 4.17
N LYS B 157 1.46 21.23 5.39
CA LYS B 157 2.65 22.03 5.68
C LYS B 157 3.90 21.14 5.53
N TYR B 158 4.91 21.60 4.78
CA TYR B 158 6.15 20.80 4.55
C TYR B 158 7.29 21.38 5.38
N ARG B 159 7.13 22.62 5.87
CA ARG B 159 8.03 23.19 6.86
C ARG B 159 7.21 24.03 7.88
N ASP B 160 7.78 24.22 9.09
CA ASP B 160 7.27 25.18 10.09
C ASP B 160 7.36 26.60 9.52
N ALA B 161 6.26 27.34 9.61
CA ALA B 161 6.17 28.68 9.05
C ALA B 161 7.34 29.56 9.52
N ARG B 162 7.69 29.43 10.82
CA ARG B 162 8.67 30.29 11.48
C ARG B 162 10.07 29.72 11.35
N THR B 163 10.25 28.46 11.80
CA THR B 163 11.58 27.85 11.96
C THR B 163 12.05 27.26 10.62
N HIS B 164 11.18 27.27 9.59
CA HIS B 164 11.51 26.75 8.25
C HIS B 164 12.09 25.33 8.40
N GLN B 165 11.63 24.60 9.42
CA GLN B 165 12.10 23.25 9.71
C GLN B 165 11.27 22.27 8.88
N HIS B 166 11.94 21.62 7.91
CA HIS B 166 11.34 20.64 7.04
C HIS B 166 10.71 19.56 7.94
N ILE B 167 9.56 19.02 7.50
CA ILE B 167 8.97 17.82 8.07
C ILE B 167 9.93 16.65 7.84
N PRO B 168 9.93 15.65 8.74
CA PRO B 168 10.89 14.54 8.65
C PRO B 168 10.59 13.60 7.46
N TYR B 169 11.67 13.01 6.92
CA TYR B 169 11.62 11.89 6.00
C TYR B 169 10.82 10.75 6.65
N ARG B 170 9.73 10.34 6.02
CA ARG B 170 8.83 9.29 6.50
C ARG B 170 8.63 8.31 5.35
N GLU B 171 8.40 7.05 5.70
CA GLU B 171 8.20 5.96 4.76
C GLU B 171 6.85 5.30 5.08
N ASN B 172 6.51 4.29 4.26
CA ASN B 172 5.43 3.32 4.50
C ASN B 172 4.10 4.06 4.63
N LYS B 173 3.78 4.88 3.61
CA LYS B 173 2.60 5.72 3.60
C LYS B 173 1.60 5.15 2.60
N ASN B 174 0.39 5.71 2.59
CA ASN B 174 -0.65 5.44 1.58
C ASN B 174 -0.52 6.51 0.47
N LEU B 175 -0.98 6.18 -0.76
CA LEU B 175 -1.05 7.16 -1.84
C LEU B 175 -2.38 7.90 -1.75
N THR B 176 -2.35 9.15 -1.32
CA THR B 176 -3.56 9.95 -1.02
C THR B 176 -4.21 10.56 -2.28
N GLY B 177 -3.41 11.10 -3.22
CA GLY B 177 -3.92 11.89 -4.36
C GLY B 177 -4.30 11.01 -5.56
N THR B 178 -4.03 11.53 -6.77
CA THR B 178 -4.33 10.85 -8.03
C THR B 178 -3.10 10.07 -8.53
N ALA B 179 -3.28 8.77 -8.80
CA ALA B 179 -2.20 7.82 -9.12
C ALA B 179 -1.54 8.15 -10.47
N ARG B 180 -2.31 8.76 -11.38
CA ARG B 180 -1.86 8.99 -12.72
C ARG B 180 -0.63 9.91 -12.70
N TYR B 181 -0.65 10.93 -11.84
CA TYR B 181 0.34 11.99 -11.87
C TYR B 181 1.29 11.89 -10.67
N ALA B 182 1.07 10.89 -9.80
CA ALA B 182 1.90 10.70 -8.62
C ALA B 182 3.37 10.43 -9.00
N SER B 183 4.27 10.89 -8.11
CA SER B 183 5.70 10.71 -8.23
C SER B 183 6.10 9.26 -7.93
N ILE B 184 7.26 8.85 -8.47
CA ILE B 184 7.83 7.55 -8.18
C ILE B 184 8.00 7.42 -6.66
N ASN B 185 8.53 8.45 -6.03
CA ASN B 185 8.77 8.38 -4.58
C ASN B 185 7.43 8.20 -3.84
N THR B 186 6.33 8.75 -4.38
CA THR B 186 5.03 8.58 -3.74
C THR B 186 4.61 7.12 -3.85
N HIS B 187 4.82 6.49 -5.00
CA HIS B 187 4.53 5.06 -5.20
C HIS B 187 5.36 4.19 -4.25
N LEU B 188 6.57 4.66 -3.90
CA LEU B 188 7.46 3.93 -2.98
C LEU B 188 7.01 4.15 -1.52
N GLY B 189 6.04 5.05 -1.32
CA GLY B 189 5.42 5.29 -0.05
C GLY B 189 6.14 6.36 0.77
N ILE B 190 6.99 7.15 0.11
CA ILE B 190 7.79 8.20 0.77
C ILE B 190 6.94 9.46 0.92
N GLU B 191 7.26 10.22 1.97
CA GLU B 191 6.61 11.49 2.29
C GLU B 191 6.83 12.47 1.13
N GLN B 192 5.75 13.16 0.73
CA GLN B 192 5.78 14.13 -0.37
C GLN B 192 6.43 15.44 0.08
N SER B 193 7.21 16.02 -0.81
CA SER B 193 7.83 17.33 -0.60
C SER B 193 7.78 18.12 -1.90
N ARG B 194 8.51 19.25 -1.96
CA ARG B 194 8.34 20.22 -3.02
C ARG B 194 8.59 19.54 -4.37
N ARG B 195 9.57 18.63 -4.41
CA ARG B 195 10.01 17.97 -5.66
C ARG B 195 8.82 17.22 -6.30
N ASP B 196 7.97 16.67 -5.45
CA ASP B 196 6.92 15.81 -5.85
C ASP B 196 5.81 16.61 -6.56
N ASP B 197 5.42 17.76 -6.03
CA ASP B 197 4.47 18.63 -6.77
C ASP B 197 4.99 18.88 -8.18
N LEU B 198 6.31 19.12 -8.33
CA LEU B 198 6.91 19.53 -9.64
C LEU B 198 6.97 18.32 -10.59
N GLU B 199 7.31 17.13 -10.07
CA GLU B 199 7.37 15.91 -10.87
C GLU B 199 5.97 15.66 -11.45
N SER B 200 4.95 15.80 -10.59
CA SER B 200 3.56 15.60 -10.98
C SER B 200 3.18 16.57 -12.10
N LEU B 201 3.60 17.82 -11.98
CA LEU B 201 3.39 18.77 -13.06
C LEU B 201 4.04 18.27 -14.35
N GLY B 202 5.25 17.69 -14.24
CA GLY B 202 6.01 17.10 -15.36
C GLY B 202 5.21 16.07 -16.14
N TYR B 203 4.48 15.20 -15.41
CA TYR B 203 3.64 14.19 -16.02
C TYR B 203 2.41 14.87 -16.64
N VAL B 204 1.87 15.91 -15.98
CA VAL B 204 0.70 16.62 -16.53
C VAL B 204 1.08 17.19 -17.90
N LEU B 205 2.27 17.76 -18.02
CA LEU B 205 2.66 18.44 -19.23
C LEU B 205 2.79 17.43 -20.39
N MET B 206 3.34 16.24 -20.11
CA MET B 206 3.52 15.21 -21.14
C MET B 206 2.16 14.63 -21.53
N TYR B 207 1.24 14.59 -20.56
CA TYR B 207 -0.14 14.22 -20.75
C TYR B 207 -0.78 15.12 -21.81
N PHE B 208 -0.56 16.44 -21.71
CA PHE B 208 -1.11 17.39 -22.66
C PHE B 208 -0.49 17.18 -24.03
N ASN B 209 0.80 16.83 -24.05
CA ASN B 209 1.57 16.54 -25.28
C ASN B 209 1.04 15.28 -25.98
N LEU B 210 0.77 14.22 -25.20
CA LEU B 210 0.53 12.87 -25.74
C LEU B 210 -0.96 12.58 -25.93
N GLY B 211 -1.84 13.22 -25.14
CA GLY B 211 -3.27 12.89 -25.12
C GLY B 211 -3.61 11.89 -24.03
N SER B 212 -2.61 11.11 -23.62
CA SER B 212 -2.70 10.29 -22.43
C SER B 212 -1.29 9.93 -21.96
N LEU B 213 -1.20 9.17 -20.86
CA LEU B 213 0.08 8.69 -20.34
C LEU B 213 0.11 7.18 -20.46
N PRO B 214 1.31 6.56 -20.63
CA PRO B 214 1.41 5.12 -20.99
C PRO B 214 0.92 4.18 -19.87
N TRP B 215 0.82 4.66 -18.64
CA TRP B 215 0.34 3.87 -17.50
C TRP B 215 -1.13 4.17 -17.25
N GLN B 216 -1.76 4.89 -18.18
CA GLN B 216 -3.18 5.15 -18.12
C GLN B 216 -3.92 3.93 -18.67
N GLY B 217 -5.06 3.60 -18.03
CA GLY B 217 -6.03 2.62 -18.50
C GLY B 217 -5.55 1.17 -18.35
N LEU B 218 -4.76 0.89 -17.31
CA LEU B 218 -4.31 -0.47 -17.04
C LEU B 218 -5.40 -1.22 -16.26
N LYS B 219 -5.82 -2.36 -16.80
CA LYS B 219 -6.78 -3.22 -16.12
C LYS B 219 -6.07 -3.93 -14.96
N ALA B 220 -6.84 -4.16 -13.90
CA ALA B 220 -6.52 -5.03 -12.80
C ALA B 220 -7.81 -5.34 -12.03
N ALA B 221 -7.80 -6.43 -11.26
CA ALA B 221 -8.93 -6.92 -10.50
C ALA B 221 -9.28 -5.94 -9.36
N THR B 222 -8.30 -5.63 -8.49
CA THR B 222 -8.52 -4.78 -7.29
C THR B 222 -7.91 -3.39 -7.54
N LYS B 223 -8.14 -2.48 -6.59
CA LYS B 223 -7.64 -1.11 -6.64
C LYS B 223 -6.16 -1.08 -6.31
N ARG B 224 -5.79 -1.75 -5.20
CA ARG B 224 -4.41 -1.74 -4.71
C ARG B 224 -3.49 -2.46 -5.71
N GLN B 225 -4.07 -3.38 -6.49
CA GLN B 225 -3.38 -4.07 -7.58
C GLN B 225 -3.12 -3.10 -8.72
N LYS B 226 -4.07 -2.18 -8.96
CA LYS B 226 -3.99 -1.18 -10.03
C LYS B 226 -2.85 -0.19 -9.73
N TYR B 227 -2.75 0.26 -8.48
CA TYR B 227 -1.69 1.15 -8.05
C TYR B 227 -0.33 0.47 -8.23
N GLU B 228 -0.24 -0.81 -7.85
CA GLU B 228 1.01 -1.59 -8.04
C GLU B 228 1.39 -1.57 -9.52
N ARG B 229 0.40 -1.74 -10.40
CA ARG B 229 0.64 -1.86 -11.85
C ARG B 229 1.08 -0.51 -12.41
N ILE B 230 0.54 0.60 -11.88
CA ILE B 230 0.90 1.95 -12.36
C ILE B 230 2.34 2.27 -11.93
N SER B 231 2.63 2.01 -10.66
CA SER B 231 3.96 2.19 -10.10
C SER B 231 5.01 1.46 -10.95
N GLU B 232 4.72 0.22 -11.33
CA GLU B 232 5.63 -0.64 -12.03
C GLU B 232 5.87 -0.14 -13.45
N LYS B 233 4.79 0.32 -14.08
CA LYS B 233 4.81 0.85 -15.43
C LYS B 233 5.68 2.13 -15.44
N LYS B 234 5.46 3.02 -14.47
CA LYS B 234 6.22 4.27 -14.34
C LYS B 234 7.70 3.95 -14.18
N MET B 235 8.00 3.01 -13.31
CA MET B 235 9.35 2.72 -12.93
C MET B 235 10.07 1.92 -14.05
N SER B 236 9.32 1.29 -14.97
CA SER B 236 9.92 0.57 -16.11
C SER B 236 9.79 1.37 -17.43
N THR B 237 9.32 2.64 -17.37
CA THR B 237 9.24 3.50 -18.56
C THR B 237 10.30 4.61 -18.45
N PRO B 238 11.49 4.44 -19.07
CA PRO B 238 12.51 5.50 -19.05
C PRO B 238 11.96 6.87 -19.52
N ILE B 239 12.51 7.94 -18.97
CA ILE B 239 12.09 9.31 -19.25
C ILE B 239 12.27 9.62 -20.75
N GLU B 240 13.34 9.10 -21.37
CA GLU B 240 13.55 9.35 -22.79
C GLU B 240 12.50 8.62 -23.65
N VAL B 241 11.90 7.55 -23.12
CA VAL B 241 10.88 6.82 -23.85
C VAL B 241 9.54 7.57 -23.67
N LEU B 242 9.20 7.96 -22.44
CA LEU B 242 7.99 8.73 -22.16
C LEU B 242 7.93 9.94 -23.10
N CYS B 243 9.07 10.60 -23.28
CA CYS B 243 9.13 11.91 -23.92
C CYS B 243 9.54 11.85 -25.40
N LYS B 244 9.73 10.64 -25.97
CA LYS B 244 10.20 10.50 -27.35
C LYS B 244 9.31 11.31 -28.31
N GLY B 245 9.94 12.10 -29.17
CA GLY B 245 9.22 12.86 -30.19
C GLY B 245 8.73 14.22 -29.70
N TYR B 246 9.10 14.64 -28.48
CA TYR B 246 8.82 16.00 -28.00
C TYR B 246 10.12 16.69 -27.66
N PRO B 247 10.16 18.05 -27.59
CA PRO B 247 11.39 18.75 -27.25
C PRO B 247 12.01 18.19 -25.97
N SER B 248 13.34 18.10 -25.96
CA SER B 248 14.10 17.45 -24.89
C SER B 248 13.78 18.07 -23.52
N GLU B 249 13.33 19.32 -23.51
CA GLU B 249 13.07 20.10 -22.27
C GLU B 249 12.11 19.36 -21.32
N PHE B 250 11.12 18.68 -21.87
CA PHE B 250 10.20 17.91 -21.03
C PHE B 250 10.94 16.81 -20.24
N ALA B 251 11.97 16.22 -20.87
CA ALA B 251 12.78 15.14 -20.32
C ALA B 251 13.76 15.71 -19.29
N THR B 252 14.40 16.83 -19.67
CA THR B 252 15.36 17.51 -18.86
C THR B 252 14.71 17.97 -17.55
N TYR B 253 13.44 18.48 -17.65
CA TYR B 253 12.60 18.90 -16.48
C TYR B 253 12.30 17.73 -15.55
N LEU B 254 11.88 16.59 -16.10
CA LEU B 254 11.51 15.42 -15.25
C LEU B 254 12.76 14.80 -14.60
N ASN B 255 13.89 14.84 -15.31
CA ASN B 255 15.17 14.28 -14.78
C ASN B 255 15.64 15.12 -13.59
N PHE B 256 15.53 16.44 -13.74
CA PHE B 256 15.90 17.38 -12.71
C PHE B 256 15.02 17.17 -11.47
N CYS B 257 13.71 17.05 -11.68
CA CYS B 257 12.79 16.79 -10.59
C CYS B 257 13.17 15.50 -9.88
N ARG B 258 13.44 14.42 -10.64
CA ARG B 258 13.77 13.11 -10.04
C ARG B 258 15.17 13.14 -9.36
N SER B 259 15.99 14.14 -9.62
CA SER B 259 17.33 14.29 -8.97
C SER B 259 17.26 15.01 -7.62
N LEU B 260 16.11 15.64 -7.32
CA LEU B 260 15.97 16.49 -6.14
C LEU B 260 16.03 15.63 -4.88
N ARG B 261 16.73 16.12 -3.87
CA ARG B 261 16.70 15.52 -2.55
C ARG B 261 15.39 15.92 -1.83
N PHE B 262 14.97 15.07 -0.88
CA PHE B 262 13.76 15.23 -0.10
C PHE B 262 13.54 16.70 0.32
N ASP B 263 14.56 17.35 0.88
CA ASP B 263 14.36 18.67 1.49
C ASP B 263 15.00 19.78 0.65
N ASP B 264 15.35 19.49 -0.61
CA ASP B 264 15.88 20.49 -1.51
C ASP B 264 14.79 21.50 -1.89
N LYS B 265 15.23 22.76 -1.95
CA LYS B 265 14.47 23.83 -2.56
C LYS B 265 14.69 23.75 -4.06
N PRO B 266 13.63 23.48 -4.85
CA PRO B 266 13.77 23.47 -6.31
C PRO B 266 14.19 24.83 -6.88
N ASP B 267 14.95 24.82 -7.96
CA ASP B 267 15.29 26.00 -8.73
C ASP B 267 14.16 26.24 -9.75
N TYR B 268 13.01 26.73 -9.24
CA TYR B 268 11.80 27.07 -10.05
C TYR B 268 12.20 27.93 -11.27
N SER B 269 13.07 28.91 -11.01
CA SER B 269 13.50 29.83 -11.98
C SER B 269 14.15 29.08 -13.14
N TYR B 270 15.06 28.15 -12.80
CA TYR B 270 15.72 27.32 -13.82
C TYR B 270 14.68 26.58 -14.69
N LEU B 271 13.63 26.04 -14.07
CA LEU B 271 12.64 25.23 -14.78
C LEU B 271 11.83 26.14 -15.71
N ARG B 272 11.53 27.37 -15.26
CA ARG B 272 10.77 28.29 -16.11
C ARG B 272 11.62 28.70 -17.31
N GLN B 273 12.91 28.94 -17.06
CA GLN B 273 13.85 29.41 -18.10
C GLN B 273 14.01 28.34 -19.17
N LEU B 274 13.92 27.08 -18.77
CA LEU B 274 14.02 25.93 -19.64
C LEU B 274 12.94 26.02 -20.75
N PHE B 275 11.69 26.20 -20.33
CA PHE B 275 10.57 26.24 -21.25
C PHE B 275 10.56 27.57 -22.02
N ARG B 276 11.04 28.64 -21.38
CA ARG B 276 11.13 29.99 -22.00
C ARG B 276 12.10 29.99 -23.19
N ASN B 277 13.28 29.36 -23.01
CA ASN B 277 14.28 29.25 -24.07
C ASN B 277 13.70 28.47 -25.26
N LEU B 278 13.04 27.33 -24.98
CA LEU B 278 12.31 26.57 -26.00
C LEU B 278 11.25 27.43 -26.70
N PHE B 279 10.46 28.19 -25.91
CA PHE B 279 9.43 29.07 -26.40
C PHE B 279 10.01 30.05 -27.41
N HIS B 280 11.19 30.62 -27.10
CA HIS B 280 11.85 31.65 -27.94
C HIS B 280 12.43 31.00 -29.21
N ARG B 281 12.99 29.81 -29.07
CA ARG B 281 13.57 29.05 -30.21
C ARG B 281 12.47 28.73 -31.23
N GLN B 282 11.25 28.49 -30.76
CA GLN B 282 10.13 28.17 -31.65
C GLN B 282 9.56 29.46 -32.29
N GLY B 283 9.94 30.63 -31.79
CA GLY B 283 9.45 31.91 -32.33
C GLY B 283 8.01 32.24 -31.88
N PHE B 284 7.55 31.65 -30.78
CA PHE B 284 6.25 31.97 -30.18
C PHE B 284 6.33 33.34 -29.44
N SER B 285 5.19 34.01 -29.33
CA SER B 285 5.06 35.28 -28.53
C SER B 285 4.14 35.02 -27.32
N TYR B 286 4.53 35.53 -26.14
CA TYR B 286 3.72 35.44 -24.91
C TYR B 286 2.55 36.44 -25.05
N ASP B 287 1.51 36.06 -25.81
CA ASP B 287 0.34 36.92 -26.12
C ASP B 287 -0.96 36.32 -25.55
N TYR B 288 -0.84 35.20 -24.84
CA TYR B 288 -1.92 34.54 -24.08
C TYR B 288 -3.06 34.09 -24.99
N VAL B 289 -2.76 33.79 -26.25
CA VAL B 289 -3.73 33.22 -27.14
C VAL B 289 -3.55 31.69 -27.11
N PHE B 290 -4.36 31.03 -26.29
CA PHE B 290 -4.37 29.58 -26.14
C PHE B 290 -5.19 28.97 -27.27
N ASP B 291 -5.06 27.66 -27.46
CA ASP B 291 -5.76 26.97 -28.56
C ASP B 291 -7.27 27.25 -28.52
N TRP B 292 -7.84 27.27 -27.32
CA TRP B 292 -9.27 27.34 -27.18
C TRP B 292 -9.79 28.75 -27.50
N ASN B 293 -8.90 29.77 -27.50
CA ASN B 293 -9.25 31.15 -27.86
C ASN B 293 -9.52 31.27 -29.37
N MET B 294 -9.06 30.29 -30.14
CA MET B 294 -9.10 30.37 -31.61
C MET B 294 -10.32 29.59 -32.15
N LEU B 295 -11.05 28.92 -31.26
CA LEU B 295 -12.32 28.28 -31.62
C LEU B 295 -13.34 29.37 -32.02
N LYS B 296 -14.26 29.00 -32.93
CA LYS B 296 -15.14 29.97 -33.58
C LYS B 296 -16.44 29.28 -34.00
N LEU C 5 -57.00 -10.15 -23.40
CA LEU C 5 -56.99 -11.63 -23.67
C LEU C 5 -57.68 -12.38 -22.52
N ARG C 6 -58.33 -13.50 -22.86
CA ARG C 6 -58.94 -14.44 -21.90
C ARG C 6 -57.90 -15.51 -21.48
N VAL C 7 -56.98 -15.10 -20.59
CA VAL C 7 -55.99 -15.96 -19.97
C VAL C 7 -56.68 -16.89 -18.98
N GLY C 8 -56.26 -18.15 -18.96
CA GLY C 8 -57.01 -19.22 -18.33
C GLY C 8 -58.42 -19.26 -18.90
N ASN C 9 -59.39 -19.55 -18.03
CA ASN C 9 -60.77 -19.47 -18.44
C ASN C 9 -61.34 -18.12 -17.98
N ARG C 10 -60.79 -17.62 -16.85
CA ARG C 10 -61.49 -16.68 -15.98
C ARG C 10 -60.63 -15.47 -15.63
N TYR C 11 -59.55 -15.21 -16.37
CA TYR C 11 -58.67 -14.08 -16.06
C TYR C 11 -58.59 -13.18 -17.29
N ARG C 12 -58.82 -11.88 -17.09
CA ARG C 12 -58.62 -10.85 -18.10
C ARG C 12 -57.25 -10.22 -17.85
N LEU C 13 -56.44 -10.15 -18.90
CA LEU C 13 -55.19 -9.43 -18.82
C LEU C 13 -55.44 -7.92 -18.95
N GLY C 14 -54.73 -7.12 -18.14
CA GLY C 14 -54.71 -5.64 -18.20
C GLY C 14 -53.36 -5.13 -18.67
N ARG C 15 -53.00 -3.90 -18.28
CA ARG C 15 -51.76 -3.26 -18.70
C ARG C 15 -50.61 -3.70 -17.80
N LYS C 16 -49.36 -3.50 -18.26
CA LYS C 16 -48.15 -3.86 -17.50
C LYS C 16 -48.15 -3.09 -16.18
N ILE C 17 -47.52 -3.68 -15.16
CA ILE C 17 -47.33 -3.04 -13.86
C ILE C 17 -45.84 -2.68 -13.74
N GLY C 18 -44.97 -3.67 -13.96
CA GLY C 18 -43.50 -3.52 -13.88
C GLY C 18 -42.76 -4.72 -14.49
N SER C 19 -41.78 -5.26 -13.75
CA SER C 19 -40.87 -6.32 -14.26
C SER C 19 -40.28 -7.14 -13.11
N GLY C 23 -40.76 -12.75 -16.18
CA GLY C 23 -40.90 -11.77 -17.25
C GLY C 23 -41.55 -10.49 -16.75
N ASP C 24 -42.49 -9.96 -17.53
CA ASP C 24 -43.21 -8.73 -17.18
C ASP C 24 -44.44 -9.08 -16.32
N ILE C 25 -44.86 -8.10 -15.52
CA ILE C 25 -45.93 -8.23 -14.55
C ILE C 25 -47.11 -7.39 -15.05
N TYR C 26 -48.32 -7.97 -15.01
CA TYR C 26 -49.51 -7.27 -15.49
C TYR C 26 -50.57 -7.23 -14.39
N LEU C 27 -51.38 -6.16 -14.40
CA LEU C 27 -52.65 -6.13 -13.68
C LEU C 27 -53.63 -6.99 -14.47
N GLY C 28 -54.50 -7.69 -13.73
CA GLY C 28 -55.51 -8.50 -14.32
C GLY C 28 -56.72 -8.54 -13.44
N THR C 29 -57.77 -9.21 -13.89
CA THR C 29 -58.98 -9.40 -13.16
C THR C 29 -59.36 -10.87 -13.16
N ASP C 30 -59.66 -11.40 -11.99
CA ASP C 30 -60.37 -12.63 -11.87
C ASP C 30 -61.86 -12.32 -12.09
N ILE C 31 -62.27 -12.43 -13.36
CA ILE C 31 -63.62 -12.12 -13.81
C ILE C 31 -64.67 -12.86 -12.94
N ALA C 32 -64.39 -14.13 -12.63
CA ALA C 32 -65.30 -15.04 -11.96
C ALA C 32 -65.55 -14.63 -10.50
N ALA C 33 -64.47 -14.26 -9.80
CA ALA C 33 -64.53 -13.93 -8.36
C ALA C 33 -64.72 -12.42 -8.13
N GLY C 34 -64.52 -11.61 -9.17
CA GLY C 34 -64.55 -10.16 -9.06
C GLY C 34 -63.45 -9.60 -8.16
N GLU C 35 -62.20 -10.06 -8.38
CA GLU C 35 -60.99 -9.61 -7.68
C GLU C 35 -59.92 -9.23 -8.71
N GLU C 36 -59.12 -8.21 -8.43
CA GLU C 36 -57.89 -7.95 -9.20
C GLU C 36 -56.83 -8.97 -8.79
N VAL C 37 -55.90 -9.22 -9.74
CA VAL C 37 -54.82 -10.22 -9.66
C VAL C 37 -53.55 -9.64 -10.30
N ALA C 38 -52.43 -10.32 -10.07
CA ALA C 38 -51.11 -10.02 -10.69
C ALA C 38 -50.78 -11.15 -11.64
N ILE C 39 -50.41 -10.84 -12.88
CA ILE C 39 -50.09 -11.90 -13.85
C ILE C 39 -48.66 -11.74 -14.35
N LYS C 40 -47.92 -12.84 -14.33
CA LYS C 40 -46.56 -12.88 -14.82
C LYS C 40 -46.52 -13.77 -16.04
N LEU C 41 -46.07 -13.20 -17.17
CA LEU C 41 -45.89 -13.91 -18.42
C LEU C 41 -44.41 -14.25 -18.62
N GLU C 42 -44.17 -15.41 -19.25
CA GLU C 42 -42.84 -15.84 -19.76
C GLU C 42 -43.03 -16.53 -21.12
N CYS C 43 -42.23 -16.12 -22.12
CA CYS C 43 -42.30 -16.69 -23.48
C CYS C 43 -42.00 -18.20 -23.43
N VAL C 44 -42.71 -18.96 -24.27
CA VAL C 44 -42.76 -20.43 -24.19
C VAL C 44 -41.36 -21.02 -24.42
N LYS C 45 -40.57 -20.36 -25.29
CA LYS C 45 -39.27 -20.80 -25.67
C LYS C 45 -38.23 -19.78 -25.21
N THR C 46 -37.83 -19.91 -23.94
CA THR C 46 -36.54 -19.42 -23.45
C THR C 46 -35.57 -20.60 -23.49
N LYS C 47 -34.26 -20.31 -23.44
CA LYS C 47 -33.23 -21.35 -23.29
C LYS C 47 -33.33 -21.93 -21.87
N HIS C 48 -33.66 -21.06 -20.91
CA HIS C 48 -33.73 -21.39 -19.48
C HIS C 48 -35.13 -21.05 -18.94
N PRO C 49 -36.15 -21.91 -19.20
CA PRO C 49 -37.50 -21.68 -18.67
C PRO C 49 -37.51 -21.72 -17.13
N GLN C 50 -38.09 -20.69 -16.51
CA GLN C 50 -37.87 -20.46 -15.05
C GLN C 50 -39.22 -20.30 -14.30
N LEU C 51 -40.28 -19.87 -15.00
CA LEU C 51 -41.53 -19.56 -14.35
C LEU C 51 -42.14 -20.82 -13.72
N HIS C 52 -42.14 -21.93 -14.46
CA HIS C 52 -42.71 -23.17 -13.96
C HIS C 52 -41.90 -23.66 -12.75
N ILE C 53 -40.58 -23.47 -12.79
CA ILE C 53 -39.71 -23.87 -11.68
C ILE C 53 -40.03 -22.98 -10.47
N GLU C 54 -40.10 -21.67 -10.70
CA GLU C 54 -40.45 -20.67 -9.67
C GLU C 54 -41.80 -21.04 -9.05
N SER C 55 -42.78 -21.43 -9.88
CA SER C 55 -44.14 -21.69 -9.41
C SER C 55 -44.14 -22.91 -8.48
N LYS C 56 -43.28 -23.90 -8.77
CA LYS C 56 -43.10 -25.06 -7.87
C LYS C 56 -42.71 -24.59 -6.47
N ILE C 57 -41.80 -23.61 -6.39
CA ILE C 57 -41.30 -23.12 -5.11
C ILE C 57 -42.41 -22.30 -4.43
N TYR C 58 -43.07 -21.40 -5.18
CA TYR C 58 -44.19 -20.60 -4.63
C TYR C 58 -45.25 -21.52 -4.03
N LYS C 59 -45.48 -22.68 -4.67
CA LYS C 59 -46.48 -23.66 -4.20
C LYS C 59 -46.03 -24.29 -2.87
N MET C 60 -44.74 -24.65 -2.75
CA MET C 60 -44.18 -25.23 -1.52
C MET C 60 -44.25 -24.21 -0.38
N MET C 61 -44.16 -22.91 -0.70
CA MET C 61 -44.19 -21.82 0.32
C MET C 61 -45.63 -21.51 0.77
N GLN C 62 -46.65 -21.91 -0.02
CA GLN C 62 -48.06 -21.50 0.23
C GLN C 62 -48.43 -21.83 1.68
N GLY C 63 -49.23 -20.96 2.31
CA GLY C 63 -49.76 -21.16 3.65
C GLY C 63 -49.02 -20.32 4.67
N GLY C 64 -47.75 -20.01 4.37
CA GLY C 64 -46.90 -19.20 5.20
C GLY C 64 -47.37 -17.76 5.23
N VAL C 65 -47.23 -17.14 6.40
CA VAL C 65 -47.56 -15.74 6.59
C VAL C 65 -46.77 -14.91 5.57
N GLY C 66 -47.46 -14.07 4.81
CA GLY C 66 -46.80 -13.10 3.91
C GLY C 66 -46.12 -13.74 2.72
N ILE C 67 -46.53 -14.96 2.38
CA ILE C 67 -46.29 -15.54 1.06
C ILE C 67 -47.53 -15.32 0.19
N PRO C 68 -47.40 -14.67 -0.98
CA PRO C 68 -48.56 -14.44 -1.86
C PRO C 68 -49.16 -15.78 -2.34
N THR C 69 -50.47 -15.80 -2.53
CA THR C 69 -51.27 -16.98 -2.98
C THR C 69 -51.27 -17.13 -4.52
N ILE C 70 -50.77 -18.27 -5.03
CA ILE C 70 -50.98 -18.68 -6.47
C ILE C 70 -52.49 -18.86 -6.74
N ARG C 71 -53.03 -18.21 -7.76
CA ARG C 71 -54.41 -18.47 -8.23
C ARG C 71 -54.40 -19.56 -9.30
N TRP C 72 -53.41 -19.51 -10.21
CA TRP C 72 -53.38 -20.31 -11.44
C TRP C 72 -51.99 -20.29 -12.09
N CYS C 73 -51.53 -21.47 -12.54
CA CYS C 73 -50.42 -21.59 -13.51
C CYS C 73 -50.90 -22.38 -14.73
N GLY C 74 -50.38 -22.00 -15.91
CA GLY C 74 -50.68 -22.69 -17.15
C GLY C 74 -49.94 -22.07 -18.32
N ALA C 75 -50.44 -22.30 -19.52
CA ALA C 75 -49.88 -21.69 -20.71
C ALA C 75 -51.03 -21.20 -21.60
N GLU C 76 -50.82 -20.05 -22.23
CA GLU C 76 -51.76 -19.43 -23.15
C GLU C 76 -50.98 -18.77 -24.29
N GLY C 77 -51.35 -19.08 -25.52
CA GLY C 77 -50.71 -18.55 -26.69
C GLY C 77 -49.20 -18.68 -26.62
N ASP C 78 -48.50 -17.54 -26.70
CA ASP C 78 -47.06 -17.49 -26.85
C ASP C 78 -46.35 -17.59 -25.48
N TYR C 79 -47.12 -17.85 -24.40
CA TYR C 79 -46.70 -17.52 -23.03
C TYR C 79 -46.97 -18.68 -22.06
N ASN C 80 -46.10 -18.77 -21.04
CA ASN C 80 -46.40 -19.39 -19.77
C ASN C 80 -46.90 -18.29 -18.83
N VAL C 81 -47.78 -18.67 -17.91
CA VAL C 81 -48.57 -17.72 -17.17
C VAL C 81 -48.63 -18.17 -15.71
N MET C 82 -48.40 -17.24 -14.79
CA MET C 82 -48.69 -17.44 -13.36
C MET C 82 -49.55 -16.28 -12.89
N VAL C 83 -50.63 -16.58 -12.14
CA VAL C 83 -51.54 -15.56 -11.58
C VAL C 83 -51.49 -15.61 -10.04
N MET C 84 -51.28 -14.43 -9.43
CA MET C 84 -51.24 -14.27 -7.97
C MET C 84 -52.34 -13.30 -7.52
N GLU C 85 -52.81 -13.44 -6.28
CA GLU C 85 -53.56 -12.37 -5.63
C GLU C 85 -52.75 -11.09 -5.78
N LEU C 86 -53.44 -9.98 -6.06
CA LEU C 86 -52.80 -8.65 -6.14
C LEU C 86 -52.22 -8.26 -4.78
N LEU C 87 -51.04 -7.64 -4.82
CA LEU C 87 -50.49 -6.97 -3.66
C LEU C 87 -50.28 -5.50 -3.99
N GLY C 88 -49.88 -4.75 -2.97
CA GLY C 88 -49.60 -3.33 -3.07
C GLY C 88 -48.13 -3.05 -3.32
N PRO C 89 -47.71 -1.78 -3.13
CA PRO C 89 -46.39 -1.33 -3.56
C PRO C 89 -45.23 -1.98 -2.75
N SER C 90 -44.04 -2.01 -3.36
CA SER C 90 -42.85 -2.54 -2.71
C SER C 90 -42.38 -1.56 -1.61
N LEU C 91 -41.39 -2.00 -0.81
CA LEU C 91 -40.75 -1.15 0.17
C LEU C 91 -39.86 -0.09 -0.51
N GLU C 92 -39.33 -0.40 -1.69
CA GLU C 92 -38.61 0.62 -2.46
C GLU C 92 -39.61 1.72 -2.88
N ASP C 93 -40.76 1.32 -3.46
CA ASP C 93 -41.77 2.26 -3.90
C ASP C 93 -42.23 3.14 -2.73
N LEU C 94 -42.53 2.51 -1.58
CA LEU C 94 -43.04 3.23 -0.42
C LEU C 94 -41.92 4.14 0.17
N PHE C 95 -40.67 3.65 0.11
CA PHE C 95 -39.51 4.46 0.55
C PHE C 95 -39.38 5.71 -0.33
N ASN C 96 -39.47 5.55 -1.65
CA ASN C 96 -39.40 6.69 -2.58
C ASN C 96 -40.57 7.65 -2.30
N PHE C 97 -41.75 7.12 -2.03
CA PHE C 97 -42.93 7.92 -1.81
C PHE C 97 -42.81 8.73 -0.51
N CYS C 98 -41.95 8.26 0.41
CA CYS C 98 -41.78 8.86 1.74
C CYS C 98 -40.51 9.73 1.78
N SER C 99 -39.99 10.09 0.60
CA SER C 99 -38.82 10.98 0.46
C SER C 99 -37.54 10.32 0.98
N ARG C 100 -37.49 8.98 0.92
CA ARG C 100 -36.31 8.17 1.18
C ARG C 100 -35.85 8.39 2.64
N LYS C 101 -36.84 8.47 3.52
CA LYS C 101 -36.67 8.61 4.96
C LYS C 101 -37.78 7.82 5.66
N PHE C 102 -37.40 6.79 6.40
CA PHE C 102 -38.29 6.07 7.31
C PHE C 102 -37.90 6.36 8.77
N SER C 103 -38.91 6.52 9.64
CA SER C 103 -38.73 6.72 11.08
C SER C 103 -38.17 5.44 11.68
N LEU C 104 -37.65 5.52 12.90
CA LEU C 104 -37.12 4.34 13.55
C LEU C 104 -38.27 3.34 13.77
N LYS C 105 -39.46 3.85 14.11
CA LYS C 105 -40.61 2.99 14.40
C LYS C 105 -40.91 2.10 13.18
N THR C 106 -40.90 2.71 12.00
CA THR C 106 -41.21 2.01 10.76
C THR C 106 -40.13 0.95 10.44
N VAL C 107 -38.85 1.33 10.60
CA VAL C 107 -37.79 0.40 10.35
C VAL C 107 -37.92 -0.82 11.25
N LEU C 108 -38.20 -0.60 12.53
CA LEU C 108 -38.32 -1.69 13.50
C LEU C 108 -39.57 -2.56 13.23
N LEU C 109 -40.69 -1.95 12.78
CA LEU C 109 -41.90 -2.73 12.46
C LEU C 109 -41.59 -3.65 11.27
N LEU C 110 -40.85 -3.11 10.28
CA LEU C 110 -40.49 -3.85 9.08
C LEU C 110 -39.49 -4.98 9.40
N ALA C 111 -38.51 -4.68 10.27
CA ALA C 111 -37.45 -5.64 10.56
C ALA C 111 -38.06 -6.87 11.23
N ASP C 112 -39.07 -6.67 12.09
CA ASP C 112 -39.63 -7.80 12.80
C ASP C 112 -40.26 -8.78 11.81
N GLN C 113 -41.04 -8.24 10.85
CA GLN C 113 -41.76 -9.09 9.90
C GLN C 113 -40.74 -9.72 8.95
N MET C 114 -39.77 -8.92 8.49
CA MET C 114 -38.83 -9.31 7.48
C MET C 114 -37.93 -10.48 7.95
N ILE C 115 -37.56 -10.50 9.24
CA ILE C 115 -36.78 -11.61 9.78
C ILE C 115 -37.66 -12.87 9.70
N SER C 116 -38.93 -12.71 10.04
CA SER C 116 -39.89 -13.82 10.09
C SER C 116 -40.10 -14.47 8.71
N ARG C 117 -40.05 -13.68 7.63
CA ARG C 117 -40.28 -14.17 6.28
C ARG C 117 -39.10 -15.01 5.81
N ILE C 118 -37.89 -14.49 6.02
CA ILE C 118 -36.67 -15.15 5.65
C ILE C 118 -36.56 -16.44 6.45
N GLU C 119 -36.98 -16.42 7.72
CA GLU C 119 -36.94 -17.61 8.58
C GLU C 119 -37.89 -18.67 8.01
N TYR C 120 -39.07 -18.24 7.54
CA TYR C 120 -40.02 -19.16 6.97
C TYR C 120 -39.44 -19.82 5.71
N ILE C 121 -38.92 -19.01 4.78
CA ILE C 121 -38.28 -19.52 3.58
C ILE C 121 -37.22 -20.58 3.96
N HIS C 122 -36.39 -20.29 4.99
CA HIS C 122 -35.29 -21.18 5.38
C HIS C 122 -35.86 -22.49 5.94
N SER C 123 -37.04 -22.39 6.59
CA SER C 123 -37.73 -23.55 7.14
C SER C 123 -38.20 -24.46 6.01
N LYS C 124 -38.35 -23.93 4.80
CA LYS C 124 -38.77 -24.72 3.66
C LYS C 124 -37.55 -25.24 2.88
N ASN C 125 -36.36 -25.11 3.47
CA ASN C 125 -35.11 -25.71 2.94
C ASN C 125 -34.59 -24.90 1.75
N PHE C 126 -35.00 -23.62 1.65
CA PHE C 126 -34.52 -22.73 0.59
C PHE C 126 -33.81 -21.53 1.21
N ILE C 127 -32.95 -20.92 0.40
CA ILE C 127 -32.42 -19.56 0.65
C ILE C 127 -32.83 -18.72 -0.55
N HIS C 128 -33.06 -17.43 -0.30
CA HIS C 128 -33.71 -16.50 -1.25
C HIS C 128 -32.67 -15.93 -2.24
N ARG C 129 -31.64 -15.24 -1.69
CA ARG C 129 -30.42 -14.80 -2.41
C ARG C 129 -30.66 -13.52 -3.22
N ASP C 130 -31.78 -12.84 -2.97
CA ASP C 130 -32.06 -11.52 -3.58
C ASP C 130 -32.88 -10.69 -2.57
N VAL C 131 -32.37 -10.61 -1.35
CA VAL C 131 -32.96 -9.77 -0.34
C VAL C 131 -32.64 -8.32 -0.64
N LYS C 132 -33.70 -7.59 -1.05
CA LYS C 132 -33.66 -6.17 -1.37
C LYS C 132 -35.06 -5.57 -1.22
N PRO C 133 -35.18 -4.22 -1.07
CA PRO C 133 -36.46 -3.59 -0.77
C PRO C 133 -37.55 -3.86 -1.82
N ASP C 134 -37.10 -4.19 -3.06
CA ASP C 134 -37.95 -4.36 -4.23
C ASP C 134 -38.73 -5.68 -4.17
N ASN C 135 -38.29 -6.62 -3.33
CA ASN C 135 -38.82 -7.95 -3.29
C ASN C 135 -39.68 -8.15 -2.04
N PHE C 136 -40.03 -7.06 -1.36
CA PHE C 136 -41.00 -7.06 -0.29
C PHE C 136 -42.12 -6.08 -0.66
N LEU C 137 -43.36 -6.59 -0.64
CA LEU C 137 -44.55 -5.79 -1.00
C LEU C 137 -45.48 -5.73 0.22
N MET C 138 -46.14 -4.59 0.43
CA MET C 138 -47.24 -4.52 1.38
C MET C 138 -48.50 -5.09 0.73
N GLY C 139 -49.32 -5.79 1.53
CA GLY C 139 -50.66 -6.22 1.16
C GLY C 139 -51.57 -5.02 0.92
N LEU C 140 -52.79 -5.30 0.46
CA LEU C 140 -53.88 -4.35 0.24
C LEU C 140 -55.02 -4.71 1.19
N GLY C 141 -55.94 -3.76 1.41
CA GLY C 141 -57.20 -4.03 2.14
C GLY C 141 -56.96 -4.48 3.58
N LYS C 142 -57.55 -5.62 3.95
CA LYS C 142 -57.43 -6.14 5.34
C LYS C 142 -55.99 -6.65 5.58
N LYS C 143 -55.22 -6.88 4.50
CA LYS C 143 -53.86 -7.41 4.57
C LYS C 143 -52.81 -6.29 4.49
N GLY C 144 -53.23 -5.03 4.76
CA GLY C 144 -52.41 -3.81 4.54
C GLY C 144 -51.28 -3.61 5.56
N ASN C 145 -51.34 -4.33 6.68
CA ASN C 145 -50.27 -4.27 7.72
C ASN C 145 -49.24 -5.38 7.51
N LEU C 146 -49.43 -6.18 6.45
CA LEU C 146 -48.66 -7.40 6.27
C LEU C 146 -47.61 -7.20 5.20
N VAL C 147 -46.34 -7.45 5.58
CA VAL C 147 -45.19 -7.46 4.69
C VAL C 147 -45.14 -8.85 4.04
N TYR C 148 -45.15 -8.87 2.70
CA TYR C 148 -44.98 -10.11 1.86
C TYR C 148 -43.60 -10.14 1.21
N ILE C 149 -43.11 -11.34 0.93
CA ILE C 149 -41.89 -11.48 0.12
C ILE C 149 -42.25 -12.18 -1.19
N ILE C 150 -41.60 -11.75 -2.27
CA ILE C 150 -41.80 -12.27 -3.61
C ILE C 150 -40.43 -12.68 -4.19
N ASP C 151 -40.50 -13.30 -5.38
CA ASP C 151 -39.39 -13.50 -6.27
C ASP C 151 -38.48 -14.62 -5.73
N PHE C 152 -38.70 -15.81 -6.30
CA PHE C 152 -37.99 -17.01 -5.99
C PHE C 152 -37.21 -17.49 -7.21
N GLY C 153 -36.90 -16.58 -8.12
CA GLY C 153 -36.19 -16.91 -9.35
C GLY C 153 -34.71 -17.21 -9.11
N LEU C 154 -34.14 -16.73 -8.00
CA LEU C 154 -32.72 -16.89 -7.68
C LEU C 154 -32.52 -17.84 -6.49
N ALA C 155 -33.60 -18.45 -6.01
CA ALA C 155 -33.58 -19.31 -4.81
C ALA C 155 -32.94 -20.67 -5.13
N LYS C 156 -32.43 -21.32 -4.07
CA LYS C 156 -31.84 -22.64 -4.17
C LYS C 156 -32.10 -23.39 -2.86
N LYS C 157 -32.25 -24.71 -2.96
CA LYS C 157 -32.28 -25.58 -1.79
C LYS C 157 -30.87 -25.64 -1.17
N TYR C 158 -30.77 -25.47 0.15
CA TYR C 158 -29.47 -25.51 0.87
C TYR C 158 -29.33 -26.83 1.64
N ARG C 159 -30.39 -27.65 1.64
CA ARG C 159 -30.35 -29.06 2.18
C ARG C 159 -31.54 -29.84 1.60
N TYR C 169 -19.59 -26.54 1.42
CA TYR C 169 -18.80 -25.33 1.26
C TYR C 169 -18.22 -25.28 -0.16
N ARG C 170 -18.61 -24.26 -0.93
CA ARG C 170 -18.25 -24.13 -2.33
C ARG C 170 -17.79 -22.69 -2.54
N GLU C 171 -17.21 -22.37 -3.70
CA GLU C 171 -17.14 -20.97 -4.18
C GLU C 171 -18.08 -20.85 -5.40
N ASN C 172 -18.89 -19.77 -5.41
CA ASN C 172 -20.18 -19.69 -6.14
C ASN C 172 -20.03 -18.70 -7.31
N LYS C 173 -18.95 -18.87 -8.09
CA LYS C 173 -18.77 -18.26 -9.44
C LYS C 173 -18.86 -16.72 -9.38
N ASN C 174 -19.74 -16.12 -10.19
CA ASN C 174 -20.00 -14.68 -10.22
C ASN C 174 -21.24 -14.37 -9.36
N LEU C 175 -21.51 -13.08 -9.13
CA LEU C 175 -22.51 -12.61 -8.16
C LEU C 175 -23.90 -12.60 -8.80
N THR C 176 -24.75 -13.57 -8.40
CA THR C 176 -26.16 -13.60 -8.75
C THR C 176 -26.93 -12.82 -7.66
N GLY C 177 -27.42 -11.67 -8.08
CA GLY C 177 -28.35 -10.90 -7.32
C GLY C 177 -27.97 -9.44 -7.39
N THR C 178 -28.39 -8.68 -6.39
CA THR C 178 -28.17 -7.24 -6.30
C THR C 178 -26.94 -6.96 -5.42
N ALA C 179 -25.98 -6.22 -5.97
CA ALA C 179 -24.65 -6.06 -5.36
C ALA C 179 -24.72 -5.12 -4.15
N ARG C 180 -25.73 -4.23 -4.13
CA ARG C 180 -25.85 -3.25 -3.09
C ARG C 180 -26.01 -3.95 -1.72
N TYR C 181 -26.75 -5.05 -1.68
CA TYR C 181 -27.15 -5.70 -0.45
C TYR C 181 -26.45 -7.04 -0.28
N ALA C 182 -25.59 -7.42 -1.23
CA ALA C 182 -24.85 -8.70 -1.15
C ALA C 182 -23.91 -8.71 0.08
N SER C 183 -23.72 -9.91 0.64
CA SER C 183 -22.86 -10.17 1.77
C SER C 183 -21.39 -10.12 1.33
N ILE C 184 -20.50 -9.89 2.32
CA ILE C 184 -19.06 -9.92 2.09
C ILE C 184 -18.68 -11.31 1.53
N ASN C 185 -19.22 -12.37 2.11
CA ASN C 185 -18.94 -13.74 1.66
C ASN C 185 -19.30 -13.88 0.18
N THR C 186 -20.39 -13.23 -0.24
CA THR C 186 -20.83 -13.35 -1.62
C THR C 186 -19.77 -12.68 -2.52
N HIS C 187 -19.30 -11.48 -2.13
CA HIS C 187 -18.29 -10.78 -2.88
C HIS C 187 -16.98 -11.59 -2.95
N LEU C 188 -16.71 -12.41 -1.93
CA LEU C 188 -15.50 -13.26 -1.88
C LEU C 188 -15.67 -14.50 -2.77
N GLY C 189 -16.91 -14.70 -3.28
CA GLY C 189 -17.23 -15.76 -4.20
C GLY C 189 -17.63 -17.05 -3.49
N ILE C 190 -17.94 -16.97 -2.21
CA ILE C 190 -18.41 -18.13 -1.40
C ILE C 190 -19.90 -18.41 -1.67
N GLU C 191 -20.26 -19.67 -1.57
CA GLU C 191 -21.60 -20.19 -1.74
C GLU C 191 -22.50 -19.56 -0.67
N GLN C 192 -23.69 -19.09 -1.10
CA GLN C 192 -24.60 -18.40 -0.17
C GLN C 192 -25.31 -19.42 0.72
N SER C 193 -25.49 -19.07 1.99
CA SER C 193 -26.25 -19.87 2.91
C SER C 193 -27.16 -18.96 3.75
N ARG C 194 -27.74 -19.51 4.83
CA ARG C 194 -28.80 -18.83 5.58
C ARG C 194 -28.26 -17.49 6.08
N ARG C 195 -27.00 -17.45 6.52
CA ARG C 195 -26.38 -16.23 7.09
C ARG C 195 -26.45 -15.05 6.10
N ASP C 196 -26.33 -15.36 4.83
CA ASP C 196 -26.21 -14.38 3.80
C ASP C 196 -27.54 -13.66 3.55
N ASP C 197 -28.66 -14.39 3.51
CA ASP C 197 -29.96 -13.74 3.46
C ASP C 197 -30.09 -12.72 4.59
N LEU C 198 -29.62 -13.08 5.81
CA LEU C 198 -29.80 -12.24 7.00
C LEU C 198 -28.86 -11.00 6.96
N GLU C 199 -27.61 -11.18 6.49
CA GLU C 199 -26.68 -10.07 6.37
C GLU C 199 -27.26 -9.03 5.40
N SER C 200 -27.79 -9.52 4.27
CA SER C 200 -28.41 -8.67 3.26
C SER C 200 -29.57 -7.88 3.87
N LEU C 201 -30.38 -8.52 4.69
CA LEU C 201 -31.44 -7.81 5.36
C LEU C 201 -30.86 -6.69 6.23
N GLY C 202 -29.73 -6.99 6.91
CA GLY C 202 -28.98 -6.01 7.74
C GLY C 202 -28.65 -4.71 6.98
N TYR C 203 -28.22 -4.85 5.73
CA TYR C 203 -27.89 -3.73 4.88
C TYR C 203 -29.18 -3.03 4.45
N VAL C 204 -30.25 -3.79 4.18
CA VAL C 204 -31.52 -3.17 3.80
C VAL C 204 -31.98 -2.22 4.94
N LEU C 205 -31.85 -2.68 6.20
CA LEU C 205 -32.35 -1.93 7.32
C LEU C 205 -31.56 -0.60 7.49
N MET C 206 -30.24 -0.63 7.30
CA MET C 206 -29.40 0.56 7.42
C MET C 206 -29.68 1.51 6.26
N TYR C 207 -30.00 0.94 5.11
CA TYR C 207 -30.41 1.69 3.92
C TYR C 207 -31.62 2.56 4.27
N PHE C 208 -32.61 1.98 4.96
CA PHE C 208 -33.83 2.69 5.32
C PHE C 208 -33.51 3.79 6.32
N ASN C 209 -32.54 3.52 7.20
CA ASN C 209 -32.07 4.45 8.23
C ASN C 209 -31.34 5.65 7.56
N LEU C 210 -30.49 5.39 6.55
CA LEU C 210 -29.52 6.37 6.05
C LEU C 210 -30.07 7.13 4.83
N GLY C 211 -30.96 6.50 4.05
CA GLY C 211 -31.42 7.05 2.78
C GLY C 211 -30.62 6.50 1.61
N SER C 212 -29.39 6.06 1.90
CA SER C 212 -28.58 5.34 0.94
C SER C 212 -27.50 4.58 1.71
N LEU C 213 -26.69 3.80 0.97
CA LEU C 213 -25.57 3.08 1.56
C LEU C 213 -24.28 3.64 1.00
N PRO C 214 -23.16 3.63 1.77
CA PRO C 214 -21.93 4.34 1.41
C PRO C 214 -21.23 3.79 0.14
N TRP C 215 -21.55 2.57 -0.25
CA TRP C 215 -21.00 1.95 -1.47
C TRP C 215 -21.99 2.09 -2.63
N GLN C 216 -23.03 2.89 -2.43
CA GLN C 216 -24.00 3.19 -3.49
C GLN C 216 -23.40 4.27 -4.40
N GLY C 217 -23.64 4.14 -5.70
CA GLY C 217 -23.40 5.18 -6.71
C GLY C 217 -21.93 5.37 -7.05
N LEU C 218 -21.13 4.30 -6.95
CA LEU C 218 -19.73 4.34 -7.32
C LEU C 218 -19.60 4.17 -8.84
N LYS C 219 -18.97 5.14 -9.51
CA LYS C 219 -18.80 5.13 -10.94
C LYS C 219 -17.74 4.09 -11.29
N ALA C 220 -17.94 3.44 -12.44
CA ALA C 220 -16.99 2.53 -13.05
C ALA C 220 -17.42 2.26 -14.49
N ALA C 221 -16.46 1.86 -15.33
CA ALA C 221 -16.68 1.71 -16.77
C ALA C 221 -17.54 0.46 -17.04
N THR C 222 -17.10 -0.69 -16.51
CA THR C 222 -17.74 -1.98 -16.74
C THR C 222 -18.53 -2.38 -15.48
N LYS C 223 -19.29 -3.47 -15.62
CA LYS C 223 -20.11 -4.02 -14.54
C LYS C 223 -19.22 -4.73 -13.50
N ARG C 224 -18.33 -5.60 -13.98
CA ARG C 224 -17.48 -6.43 -13.12
C ARG C 224 -16.52 -5.53 -12.33
N GLN C 225 -16.20 -4.36 -12.90
CA GLN C 225 -15.37 -3.35 -12.25
C GLN C 225 -16.15 -2.70 -11.10
N LYS C 226 -17.47 -2.54 -11.31
CA LYS C 226 -18.35 -1.91 -10.35
C LYS C 226 -18.53 -2.82 -9.12
N TYR C 227 -18.70 -4.12 -9.35
CA TYR C 227 -18.81 -5.10 -8.29
C TYR C 227 -17.53 -5.10 -7.45
N GLU C 228 -16.36 -5.05 -8.11
CA GLU C 228 -15.10 -5.02 -7.40
C GLU C 228 -15.07 -3.80 -6.47
N ARG C 229 -15.54 -2.65 -6.97
CA ARG C 229 -15.49 -1.39 -6.23
C ARG C 229 -16.44 -1.43 -5.04
N ILE C 230 -17.60 -2.10 -5.19
CA ILE C 230 -18.60 -2.21 -4.11
C ILE C 230 -18.03 -3.10 -2.99
N SER C 231 -17.52 -4.27 -3.40
CA SER C 231 -16.89 -5.23 -2.51
C SER C 231 -15.82 -4.54 -1.64
N GLU C 232 -14.98 -3.72 -2.28
CA GLU C 232 -13.81 -3.10 -1.63
C GLU C 232 -14.29 -2.07 -0.63
N LYS C 233 -15.33 -1.31 -1.01
CA LYS C 233 -15.90 -0.29 -0.18
C LYS C 233 -16.53 -0.92 1.07
N LYS C 234 -17.30 -2.00 0.87
CA LYS C 234 -17.92 -2.77 1.97
C LYS C 234 -16.84 -3.26 2.93
N MET C 235 -15.79 -3.84 2.38
CA MET C 235 -14.76 -4.50 3.17
C MET C 235 -13.86 -3.46 3.88
N SER C 236 -13.85 -2.21 3.40
CA SER C 236 -13.09 -1.12 4.06
C SER C 236 -14.00 -0.19 4.89
N THR C 237 -15.30 -0.50 5.02
CA THR C 237 -16.24 0.29 5.84
C THR C 237 -16.62 -0.52 7.10
N PRO C 238 -15.95 -0.33 8.26
CA PRO C 238 -16.33 -1.01 9.48
C PRO C 238 -17.83 -0.87 9.82
N ILE C 239 -18.39 -1.88 10.49
CA ILE C 239 -19.79 -1.94 10.86
C ILE C 239 -20.14 -0.77 11.79
N GLU C 240 -19.21 -0.39 12.70
CA GLU C 240 -19.53 0.70 13.60
C GLU C 240 -19.51 2.04 12.86
N VAL C 241 -18.83 2.12 11.71
CA VAL C 241 -18.84 3.33 10.90
C VAL C 241 -20.14 3.39 10.09
N LEU C 242 -20.51 2.29 9.43
CA LEU C 242 -21.78 2.21 8.65
C LEU C 242 -22.94 2.69 9.55
N CYS C 243 -22.93 2.25 10.81
CA CYS C 243 -24.09 2.37 11.70
C CYS C 243 -23.96 3.54 12.70
N LYS C 244 -22.92 4.36 12.58
CA LYS C 244 -22.70 5.48 13.54
C LYS C 244 -23.94 6.38 13.59
N GLY C 245 -24.40 6.69 14.80
CA GLY C 245 -25.54 7.59 15.01
C GLY C 245 -26.87 6.85 15.02
N TYR C 246 -26.87 5.52 14.93
CA TYR C 246 -28.11 4.73 15.05
C TYR C 246 -28.00 3.79 16.23
N PRO C 247 -29.12 3.31 16.81
CA PRO C 247 -29.05 2.42 17.96
C PRO C 247 -28.11 1.24 17.69
N SER C 248 -27.39 0.81 18.72
CA SER C 248 -26.33 -0.23 18.60
C SER C 248 -26.87 -1.50 17.92
N GLU C 249 -28.18 -1.76 18.04
CA GLU C 249 -28.82 -3.00 17.61
C GLU C 249 -28.55 -3.30 16.12
N PHE C 250 -28.52 -2.26 15.30
CA PHE C 250 -28.26 -2.44 13.88
C PHE C 250 -26.86 -3.04 13.64
N ALA C 251 -25.90 -2.62 14.48
CA ALA C 251 -24.51 -3.04 14.40
C ALA C 251 -24.36 -4.44 15.01
N THR C 252 -25.03 -4.65 16.15
CA THR C 252 -25.02 -5.92 16.85
C THR C 252 -25.57 -7.01 15.95
N TYR C 253 -26.67 -6.71 15.20
CA TYR C 253 -27.30 -7.63 14.20
C TYR C 253 -26.34 -7.98 13.07
N LEU C 254 -25.68 -6.99 12.48
CA LEU C 254 -24.76 -7.23 11.35
C LEU C 254 -23.49 -7.99 11.81
N ASN C 255 -23.03 -7.73 13.04
CA ASN C 255 -21.83 -8.39 13.57
C ASN C 255 -22.13 -9.88 13.79
N PHE C 256 -23.31 -10.15 14.35
CA PHE C 256 -23.74 -11.50 14.59
C PHE C 256 -23.84 -12.26 13.26
N CYS C 257 -24.47 -11.65 12.26
CA CYS C 257 -24.59 -12.25 10.91
C CYS C 257 -23.19 -12.58 10.37
N ARG C 258 -22.24 -11.62 10.46
CA ARG C 258 -20.88 -11.83 9.94
C ARG C 258 -20.12 -12.90 10.77
N SER C 259 -20.59 -13.25 11.95
CA SER C 259 -19.96 -14.29 12.81
C SER C 259 -20.41 -15.71 12.45
N LEU C 260 -21.47 -15.84 11.67
CA LEU C 260 -22.12 -17.13 11.45
C LEU C 260 -21.22 -18.02 10.61
N ARG C 261 -21.19 -19.30 10.95
CA ARG C 261 -20.51 -20.30 10.12
C ARG C 261 -21.45 -20.71 8.96
N PHE C 262 -20.81 -21.20 7.89
CA PHE C 262 -21.47 -21.55 6.65
C PHE C 262 -22.79 -22.33 6.88
N ASP C 263 -22.76 -23.33 7.75
CA ASP C 263 -23.88 -24.26 7.91
C ASP C 263 -24.62 -24.03 9.22
N ASP C 264 -24.36 -22.90 9.91
CA ASP C 264 -25.05 -22.57 11.15
C ASP C 264 -26.53 -22.23 10.84
N LYS C 265 -27.40 -22.71 11.72
CA LYS C 265 -28.76 -22.26 11.82
C LYS C 265 -28.76 -20.94 12.59
N PRO C 266 -29.16 -19.81 11.96
CA PRO C 266 -29.21 -18.52 12.64
C PRO C 266 -30.21 -18.52 13.80
N ASP C 267 -29.91 -17.74 14.85
CA ASP C 267 -30.80 -17.61 15.97
C ASP C 267 -31.79 -16.47 15.67
N TYR C 268 -32.74 -16.73 14.76
CA TYR C 268 -33.79 -15.71 14.29
C TYR C 268 -34.44 -15.08 15.52
N SER C 269 -34.78 -15.93 16.50
CA SER C 269 -35.43 -15.50 17.70
C SER C 269 -34.58 -14.41 18.40
N TYR C 270 -33.25 -14.67 18.53
CA TYR C 270 -32.37 -13.71 19.17
C TYR C 270 -32.40 -12.38 18.42
N LEU C 271 -32.41 -12.44 17.08
CA LEU C 271 -32.34 -11.23 16.25
C LEU C 271 -33.66 -10.46 16.40
N ARG C 272 -34.79 -11.18 16.47
CA ARG C 272 -36.10 -10.52 16.60
C ARG C 272 -36.15 -9.81 17.96
N GLN C 273 -35.65 -10.50 18.99
CA GLN C 273 -35.73 -10.00 20.39
C GLN C 273 -34.88 -8.74 20.54
N LEU C 274 -33.82 -8.66 19.75
CA LEU C 274 -32.94 -7.51 19.72
C LEU C 274 -33.72 -6.24 19.37
N PHE C 275 -34.46 -6.30 18.26
CA PHE C 275 -35.18 -5.16 17.77
C PHE C 275 -36.44 -4.91 18.62
N ARG C 276 -37.00 -5.97 19.21
CA ARG C 276 -38.18 -5.89 20.10
C ARG C 276 -37.85 -5.11 21.38
N ASN C 277 -36.69 -5.41 21.98
CA ASN C 277 -36.22 -4.74 23.18
C ASN C 277 -36.00 -3.25 22.89
N LEU C 278 -35.36 -2.95 21.76
CA LEU C 278 -35.21 -1.55 21.29
C LEU C 278 -36.58 -0.87 21.10
N PHE C 279 -37.51 -1.59 20.46
CA PHE C 279 -38.88 -1.12 20.23
C PHE C 279 -39.53 -0.68 21.56
N HIS C 280 -39.37 -1.51 22.60
CA HIS C 280 -39.98 -1.29 23.93
C HIS C 280 -39.30 -0.13 24.65
N ARG C 281 -37.96 -0.05 24.55
CA ARG C 281 -37.17 1.03 25.17
C ARG C 281 -37.58 2.39 24.58
N GLN C 282 -37.92 2.42 23.29
CA GLN C 282 -38.31 3.68 22.66
C GLN C 282 -39.77 4.04 23.02
N GLY C 283 -40.53 3.10 23.61
CA GLY C 283 -41.92 3.35 24.00
C GLY C 283 -42.88 3.34 22.80
N PHE C 284 -42.50 2.66 21.71
CA PHE C 284 -43.37 2.50 20.56
C PHE C 284 -44.45 1.44 20.85
N SER C 285 -45.59 1.57 20.15
CA SER C 285 -46.70 0.61 20.25
C SER C 285 -46.80 -0.20 18.94
N TYR C 286 -46.95 -1.53 19.07
CA TYR C 286 -47.09 -2.42 17.94
C TYR C 286 -48.52 -2.29 17.40
N ASP C 287 -48.76 -1.21 16.62
CA ASP C 287 -50.11 -0.86 16.11
C ASP C 287 -50.10 -0.83 14.57
N TYR C 288 -48.97 -1.20 13.96
CA TYR C 288 -48.81 -1.36 12.50
C TYR C 288 -49.06 -0.05 11.75
N VAL C 289 -48.82 1.10 12.39
CA VAL C 289 -48.98 2.38 11.73
C VAL C 289 -47.60 2.79 11.20
N PHE C 290 -47.37 2.52 9.91
CA PHE C 290 -46.16 2.85 9.21
C PHE C 290 -46.23 4.32 8.77
N ASP C 291 -45.07 4.90 8.43
CA ASP C 291 -45.03 6.34 8.09
C ASP C 291 -46.03 6.70 6.99
N TRP C 292 -46.17 5.83 6.00
CA TRP C 292 -47.00 6.11 4.84
C TRP C 292 -48.50 6.07 5.20
N ASN C 293 -48.86 5.44 6.33
CA ASN C 293 -50.26 5.38 6.80
C ASN C 293 -50.69 6.76 7.33
N MET C 294 -49.73 7.65 7.62
CA MET C 294 -50.03 8.91 8.27
C MET C 294 -50.12 10.04 7.23
N LEU C 295 -49.87 9.71 5.94
CA LEU C 295 -50.14 10.65 4.84
C LEU C 295 -51.65 10.93 4.77
N LYS C 296 -52.00 12.14 4.31
CA LYS C 296 -53.38 12.68 4.43
C LYS C 296 -53.61 13.71 3.32
N LEU D 5 55.79 -26.20 -18.66
CA LEU D 5 55.72 -26.37 -20.17
C LEU D 5 56.38 -25.16 -20.84
N ARG D 6 56.95 -25.38 -22.04
CA ARG D 6 57.57 -24.33 -22.87
C ARG D 6 56.53 -23.72 -23.83
N VAL D 7 55.67 -22.87 -23.27
CA VAL D 7 54.67 -22.10 -24.01
C VAL D 7 55.38 -21.00 -24.81
N GLY D 8 54.93 -20.78 -26.05
CA GLY D 8 55.70 -20.05 -27.04
C GLY D 8 57.08 -20.67 -27.19
N ASN D 9 58.08 -19.81 -27.39
CA ASN D 9 59.45 -20.29 -27.35
C ASN D 9 60.06 -20.01 -25.97
N ARG D 10 59.56 -18.94 -25.34
CA ARG D 10 60.29 -18.20 -24.33
C ARG D 10 59.47 -17.98 -23.06
N TYR D 11 58.37 -18.73 -22.89
CA TYR D 11 57.55 -18.58 -21.68
C TYR D 11 57.48 -19.93 -20.97
N ARG D 12 57.77 -19.92 -19.68
CA ARG D 12 57.57 -21.05 -18.77
C ARG D 12 56.22 -20.88 -18.08
N LEU D 13 55.37 -21.90 -18.14
CA LEU D 13 54.15 -21.88 -17.38
C LEU D 13 54.45 -22.27 -15.92
N GLY D 14 53.79 -21.56 -14.98
CA GLY D 14 53.80 -21.86 -13.53
C GLY D 14 52.42 -22.34 -13.08
N ARG D 15 52.12 -22.14 -11.78
CA ARG D 15 50.89 -22.64 -11.17
C ARG D 15 49.75 -21.65 -11.40
N LYS D 16 48.52 -22.13 -11.26
CA LYS D 16 47.32 -21.30 -11.46
C LYS D 16 47.35 -20.13 -10.47
N ILE D 17 46.74 -19.02 -10.87
CA ILE D 17 46.61 -17.83 -10.01
C ILE D 17 45.14 -17.74 -9.58
N GLY D 18 44.23 -17.79 -10.56
CA GLY D 18 42.77 -17.72 -10.35
C GLY D 18 41.98 -18.00 -11.63
N SER D 19 41.02 -17.11 -11.95
CA SER D 19 40.09 -17.30 -13.08
C SER D 19 39.51 -15.94 -13.50
N GLY D 23 39.67 -18.27 -19.74
CA GLY D 23 39.80 -19.47 -18.93
C GLY D 23 40.53 -19.17 -17.64
N ASP D 24 41.43 -20.08 -17.26
CA ASP D 24 42.19 -19.98 -16.03
C ASP D 24 43.46 -19.14 -16.27
N ILE D 25 43.95 -18.54 -15.17
CA ILE D 25 45.05 -17.58 -15.18
C ILE D 25 46.24 -18.24 -14.48
N TYR D 26 47.42 -18.13 -15.07
CA TYR D 26 48.64 -18.75 -14.51
C TYR D 26 49.74 -17.71 -14.34
N LEU D 27 50.59 -17.91 -13.33
CA LEU D 27 51.88 -17.25 -13.24
C LEU D 27 52.82 -17.93 -14.25
N GLY D 28 53.69 -17.14 -14.87
CA GLY D 28 54.66 -17.62 -15.78
C GLY D 28 55.89 -16.77 -15.73
N THR D 29 56.90 -17.14 -16.52
CA THR D 29 58.13 -16.40 -16.64
C THR D 29 58.44 -16.19 -18.12
N ASP D 30 58.76 -14.96 -18.48
CA ASP D 30 59.45 -14.69 -19.71
C ASP D 30 60.93 -15.00 -19.49
N ILE D 31 61.30 -16.25 -19.80
CA ILE D 31 62.65 -16.77 -19.61
C ILE D 31 63.69 -15.84 -20.28
N ALA D 32 63.36 -15.33 -21.46
CA ALA D 32 64.27 -14.57 -22.31
C ALA D 32 64.58 -13.19 -21.71
N ALA D 33 63.54 -12.52 -21.20
CA ALA D 33 63.68 -11.15 -20.69
C ALA D 33 63.91 -11.14 -19.17
N GLY D 34 63.68 -12.27 -18.51
CA GLY D 34 63.77 -12.37 -17.05
C GLY D 34 62.72 -11.53 -16.33
N GLU D 35 61.45 -11.66 -16.78
CA GLU D 35 60.28 -10.99 -16.17
C GLU D 35 59.21 -12.04 -15.89
N GLU D 36 58.44 -11.87 -14.81
CA GLU D 36 57.22 -12.68 -14.62
C GLU D 36 56.13 -12.12 -15.54
N VAL D 37 55.17 -13.00 -15.86
CA VAL D 37 54.05 -12.74 -16.79
C VAL D 37 52.78 -13.41 -16.25
N ALA D 38 51.64 -13.03 -16.82
CA ALA D 38 50.32 -13.67 -16.58
C ALA D 38 49.91 -14.42 -17.83
N ILE D 39 49.51 -15.68 -17.68
CA ILE D 39 49.12 -16.47 -18.85
C ILE D 39 47.68 -16.93 -18.72
N LYS D 40 46.90 -16.73 -19.79
CA LYS D 40 45.53 -17.15 -19.85
C LYS D 40 45.40 -18.23 -20.92
N LEU D 41 44.93 -19.42 -20.50
CA LEU D 41 44.66 -20.54 -21.39
C LEU D 41 43.16 -20.61 -21.73
N GLU D 42 42.85 -21.02 -22.97
CA GLU D 42 41.50 -21.42 -23.43
C GLU D 42 41.63 -22.68 -24.32
N CYS D 43 40.81 -23.70 -24.02
CA CYS D 43 40.81 -24.96 -24.79
C CYS D 43 40.48 -24.69 -26.26
N VAL D 44 41.12 -25.44 -27.16
CA VAL D 44 41.08 -25.18 -28.59
C VAL D 44 39.66 -25.36 -29.12
N LYS D 45 38.90 -26.31 -28.54
CA LYS D 45 37.51 -26.49 -28.90
C LYS D 45 36.61 -26.16 -27.70
N THR D 46 36.25 -24.88 -27.62
CA THR D 46 35.00 -24.42 -27.02
C THR D 46 33.98 -24.27 -28.16
N LYS D 47 32.69 -24.22 -27.82
CA LYS D 47 31.64 -23.91 -28.80
C LYS D 47 31.76 -22.44 -29.20
N HIS D 48 32.17 -21.60 -28.24
CA HIS D 48 32.27 -20.15 -28.40
C HIS D 48 33.69 -19.69 -28.08
N PRO D 49 34.66 -19.86 -29.03
CA PRO D 49 36.04 -19.38 -28.84
C PRO D 49 36.08 -17.85 -28.69
N GLN D 50 36.73 -17.36 -27.63
CA GLN D 50 36.59 -15.94 -27.23
C GLN D 50 37.95 -15.27 -26.98
N LEU D 51 38.99 -16.05 -26.66
CA LEU D 51 40.30 -15.50 -26.27
C LEU D 51 40.88 -14.71 -27.45
N HIS D 52 40.82 -15.29 -28.65
CA HIS D 52 41.41 -14.62 -29.80
C HIS D 52 40.63 -13.33 -30.11
N ILE D 53 39.33 -13.36 -29.91
CA ILE D 53 38.49 -12.17 -30.12
C ILE D 53 38.87 -11.10 -29.07
N GLU D 54 38.96 -11.53 -27.82
CA GLU D 54 39.37 -10.66 -26.69
C GLU D 54 40.74 -10.04 -26.98
N SER D 55 41.67 -10.85 -27.53
CA SER D 55 43.05 -10.40 -27.76
C SER D 55 43.07 -9.30 -28.83
N LYS D 56 42.18 -9.41 -29.81
CA LYS D 56 42.00 -8.36 -30.84
C LYS D 56 41.66 -7.03 -30.17
N ILE D 57 40.78 -7.08 -29.16
CA ILE D 57 40.34 -5.86 -28.48
C ILE D 57 41.48 -5.33 -27.61
N TYR D 58 42.15 -6.22 -26.85
CA TYR D 58 43.31 -5.82 -26.00
C TYR D 58 44.37 -5.13 -26.88
N LYS D 59 44.54 -5.60 -28.12
CA LYS D 59 45.52 -5.02 -29.05
C LYS D 59 45.11 -3.60 -29.47
N MET D 60 43.82 -3.40 -29.77
CA MET D 60 43.29 -2.07 -30.14
C MET D 60 43.40 -1.10 -28.94
N MET D 61 43.32 -1.62 -27.70
CA MET D 61 43.41 -0.78 -26.47
C MET D 61 44.87 -0.43 -26.14
N GLN D 62 45.86 -1.18 -26.68
CA GLN D 62 47.29 -1.03 -26.27
C GLN D 62 47.69 0.44 -26.39
N GLY D 63 48.52 0.90 -25.45
CA GLY D 63 49.10 2.25 -25.46
C GLY D 63 48.37 3.17 -24.50
N GLY D 64 47.12 2.83 -24.19
CA GLY D 64 46.31 3.56 -23.23
C GLY D 64 46.84 3.38 -21.82
N VAL D 65 46.72 4.44 -21.04
CA VAL D 65 47.11 4.43 -19.66
C VAL D 65 46.32 3.32 -18.94
N GLY D 66 47.03 2.42 -18.24
CA GLY D 66 46.37 1.42 -17.39
C GLY D 66 45.63 0.32 -18.20
N ILE D 67 46.01 0.16 -19.46
CA ILE D 67 45.72 -1.04 -20.22
C ILE D 67 46.95 -1.96 -20.16
N PRO D 68 46.80 -3.22 -19.70
CA PRO D 68 47.95 -4.13 -19.64
C PRO D 68 48.51 -4.43 -21.03
N THR D 69 49.82 -4.66 -21.11
CA THR D 69 50.56 -4.94 -22.38
C THR D 69 50.52 -6.44 -22.74
N ILE D 70 49.96 -6.77 -23.92
CA ILE D 70 50.08 -8.16 -24.51
C ILE D 70 51.56 -8.48 -24.79
N ARG D 71 52.08 -9.61 -24.29
CA ARG D 71 53.43 -10.06 -24.66
C ARG D 71 53.35 -10.97 -25.90
N TRP D 72 52.32 -11.84 -25.94
CA TRP D 72 52.23 -12.93 -26.93
C TRP D 72 50.82 -13.53 -26.97
N CYS D 73 50.32 -13.79 -28.19
CA CYS D 73 49.20 -14.70 -28.43
C CYS D 73 49.61 -15.79 -29.40
N GLY D 74 49.07 -16.99 -29.19
CA GLY D 74 49.32 -18.13 -30.07
C GLY D 74 48.54 -19.35 -29.60
N ALA D 75 48.96 -20.52 -30.05
CA ALA D 75 48.38 -21.76 -29.60
C ALA D 75 49.51 -22.76 -29.30
N GLU D 76 49.31 -23.55 -28.25
CA GLU D 76 50.23 -24.60 -27.81
C GLU D 76 49.40 -25.76 -27.28
N GLY D 77 49.70 -26.96 -27.77
CA GLY D 77 49.02 -28.17 -27.37
C GLY D 77 47.52 -28.03 -27.47
N ASP D 78 46.85 -28.24 -26.34
CA ASP D 78 45.40 -28.34 -26.26
C ASP D 78 44.76 -26.94 -26.13
N TYR D 79 45.56 -25.87 -26.25
CA TYR D 79 45.21 -24.56 -25.70
C TYR D 79 45.48 -23.44 -26.71
N ASN D 80 44.65 -22.39 -26.62
CA ASN D 80 44.99 -21.06 -27.04
C ASN D 80 45.56 -20.32 -25.83
N VAL D 81 46.45 -19.37 -26.09
CA VAL D 81 47.29 -18.80 -25.08
C VAL D 81 47.36 -17.29 -25.32
N MET D 82 47.18 -16.50 -24.25
CA MET D 82 47.55 -15.09 -24.22
C MET D 82 48.48 -14.85 -23.04
N VAL D 83 49.56 -14.10 -23.26
CA VAL D 83 50.54 -13.72 -22.20
C VAL D 83 50.53 -12.20 -22.02
N MET D 84 50.37 -11.76 -20.77
CA MET D 84 50.41 -10.34 -20.40
C MET D 84 51.54 -10.07 -19.39
N GLU D 85 52.08 -8.83 -19.39
CA GLU D 85 52.88 -8.36 -18.28
C GLU D 85 52.07 -8.66 -17.01
N LEU D 86 52.77 -9.13 -15.96
CA LEU D 86 52.17 -9.41 -14.67
C LEU D 86 51.63 -8.10 -14.05
N LEU D 87 50.47 -8.18 -13.41
CA LEU D 87 49.98 -7.13 -12.58
C LEU D 87 49.80 -7.64 -11.16
N GLY D 88 49.44 -6.69 -10.28
CA GLY D 88 49.20 -6.93 -8.90
C GLY D 88 47.73 -7.17 -8.59
N PRO D 89 47.35 -7.17 -7.29
CA PRO D 89 46.04 -7.67 -6.87
C PRO D 89 44.89 -6.76 -7.33
N SER D 90 43.68 -7.33 -7.39
CA SER D 90 42.49 -6.58 -7.79
C SER D 90 42.09 -5.62 -6.65
N LEU D 91 41.13 -4.75 -6.94
CA LEU D 91 40.55 -3.84 -5.94
C LEU D 91 39.68 -4.65 -4.95
N GLU D 92 39.08 -5.76 -5.42
CA GLU D 92 38.37 -6.63 -4.50
C GLU D 92 39.37 -7.25 -3.51
N ASP D 93 40.49 -7.79 -4.02
CA ASP D 93 41.51 -8.42 -3.18
C ASP D 93 42.05 -7.39 -2.16
N LEU D 94 42.38 -6.19 -2.63
CA LEU D 94 42.94 -5.15 -1.76
C LEU D 94 41.86 -4.65 -0.76
N PHE D 95 40.60 -4.60 -1.21
CA PHE D 95 39.48 -4.24 -0.31
C PHE D 95 39.34 -5.29 0.80
N ASN D 96 39.40 -6.58 0.45
CA ASN D 96 39.33 -7.66 1.43
C ASN D 96 40.51 -7.56 2.40
N PHE D 97 41.70 -7.25 1.86
CA PHE D 97 42.91 -7.19 2.65
C PHE D 97 42.85 -6.01 3.64
N CYS D 98 42.01 -5.01 3.34
CA CYS D 98 41.89 -3.79 4.11
C CYS D 98 40.66 -3.82 5.03
N SER D 99 40.12 -5.02 5.25
CA SER D 99 38.96 -5.23 6.17
C SER D 99 37.69 -4.59 5.60
N ARG D 100 37.60 -4.45 4.28
CA ARG D 100 36.41 -4.05 3.55
C ARG D 100 36.00 -2.64 3.99
N LYS D 101 37.03 -1.79 4.17
CA LYS D 101 36.92 -0.39 4.50
C LYS D 101 38.05 0.37 3.78
N PHE D 102 37.65 1.28 2.87
CA PHE D 102 38.55 2.26 2.25
C PHE D 102 38.19 3.67 2.75
N SER D 103 39.23 4.48 3.02
CA SER D 103 39.08 5.88 3.43
C SER D 103 38.52 6.68 2.26
N LEU D 104 38.04 7.89 2.53
CA LEU D 104 37.50 8.72 1.47
C LEU D 104 38.62 9.06 0.48
N LYS D 105 39.83 9.29 0.99
CA LYS D 105 40.97 9.68 0.16
C LYS D 105 41.23 8.59 -0.89
N THR D 106 41.21 7.32 -0.47
CA THR D 106 41.46 6.21 -1.36
C THR D 106 40.32 6.08 -2.40
N VAL D 107 39.08 6.20 -1.96
CA VAL D 107 37.95 6.11 -2.89
C VAL D 107 38.09 7.19 -3.98
N LEU D 108 38.42 8.42 -3.57
CA LEU D 108 38.55 9.54 -4.51
C LEU D 108 39.75 9.35 -5.44
N LEU D 109 40.87 8.81 -4.93
CA LEU D 109 42.07 8.55 -5.78
C LEU D 109 41.69 7.53 -6.84
N LEU D 110 40.94 6.50 -6.44
CA LEU D 110 40.53 5.42 -7.33
C LEU D 110 39.50 5.92 -8.37
N ALA D 111 38.54 6.73 -7.91
CA ALA D 111 37.47 7.18 -8.79
C ALA D 111 38.05 8.02 -9.93
N ASP D 112 39.08 8.82 -9.64
CA ASP D 112 39.66 9.67 -10.66
C ASP D 112 40.26 8.82 -11.79
N GLN D 113 41.02 7.78 -11.42
CA GLN D 113 41.67 6.90 -12.40
C GLN D 113 40.59 6.10 -13.16
N MET D 114 39.63 5.59 -12.39
CA MET D 114 38.63 4.64 -12.90
C MET D 114 37.71 5.29 -13.95
N ILE D 115 37.39 6.57 -13.77
CA ILE D 115 36.59 7.30 -14.76
C ILE D 115 37.44 7.39 -16.04
N SER D 116 38.72 7.68 -15.88
CA SER D 116 39.64 7.87 -17.01
C SER D 116 39.80 6.58 -17.84
N ARG D 117 39.73 5.40 -17.21
CA ARG D 117 39.92 4.14 -17.91
C ARG D 117 38.71 3.81 -18.77
N ILE D 118 37.52 3.98 -18.18
CA ILE D 118 36.27 3.76 -18.84
C ILE D 118 36.15 4.73 -20.01
N GLU D 119 36.60 5.98 -19.81
CA GLU D 119 36.57 7.00 -20.86
C GLU D 119 37.48 6.57 -22.03
N TYR D 120 38.65 6.02 -21.71
CA TYR D 120 39.56 5.55 -22.74
C TYR D 120 38.92 4.42 -23.55
N ILE D 121 38.38 3.40 -22.87
CA ILE D 121 37.69 2.30 -23.52
C ILE D 121 36.62 2.87 -24.48
N HIS D 122 35.83 3.86 -24.02
CA HIS D 122 34.73 4.41 -24.81
C HIS D 122 35.28 5.16 -26.03
N SER D 123 36.46 5.75 -25.87
CA SER D 123 37.16 6.45 -26.96
C SER D 123 37.56 5.46 -28.06
N LYS D 124 37.69 4.18 -27.71
CA LYS D 124 38.04 3.14 -28.67
C LYS D 124 36.78 2.47 -29.23
N ASN D 125 35.61 3.05 -28.96
CA ASN D 125 34.32 2.65 -29.60
C ASN D 125 33.78 1.36 -28.95
N PHE D 126 34.23 1.05 -27.74
CA PHE D 126 33.74 -0.12 -26.99
C PHE D 126 33.08 0.34 -25.69
N ILE D 127 32.21 -0.52 -25.16
CA ILE D 127 31.75 -0.44 -23.78
C ILE D 127 32.17 -1.76 -23.13
N HIS D 128 32.44 -1.71 -21.81
CA HIS D 128 33.05 -2.80 -21.04
C HIS D 128 32.00 -3.84 -20.61
N ARG D 129 31.01 -3.38 -19.83
CA ARG D 129 29.77 -4.10 -19.47
C ARG D 129 30.02 -5.08 -18.32
N ASP D 130 31.17 -4.99 -17.65
CA ASP D 130 31.46 -5.81 -16.44
C ASP D 130 32.35 -4.97 -15.51
N VAL D 131 31.90 -3.74 -15.24
CA VAL D 131 32.53 -2.89 -14.33
C VAL D 131 32.24 -3.40 -12.90
N LYS D 132 33.30 -3.89 -12.26
CA LYS D 132 33.28 -4.43 -10.90
C LYS D 132 34.71 -4.38 -10.31
N PRO D 133 34.87 -4.42 -8.97
CA PRO D 133 36.18 -4.28 -8.34
C PRO D 133 37.21 -5.32 -8.81
N ASP D 134 36.72 -6.47 -9.30
CA ASP D 134 37.53 -7.64 -9.67
C ASP D 134 38.23 -7.42 -11.01
N ASN D 135 37.78 -6.44 -11.79
CA ASN D 135 38.30 -6.20 -13.13
C ASN D 135 39.21 -4.96 -13.15
N PHE D 136 39.59 -4.45 -11.98
CA PHE D 136 40.60 -3.42 -11.83
C PHE D 136 41.72 -3.94 -10.95
N LEU D 137 42.95 -3.86 -11.45
CA LEU D 137 44.13 -4.40 -10.79
C LEU D 137 45.13 -3.24 -10.61
N MET D 138 45.86 -3.26 -9.49
CA MET D 138 46.98 -2.35 -9.31
C MET D 138 48.19 -2.93 -10.06
N GLY D 139 49.00 -2.04 -10.62
CA GLY D 139 50.34 -2.38 -11.15
C GLY D 139 51.26 -2.86 -10.04
N LEU D 140 52.44 -3.33 -10.44
CA LEU D 140 53.54 -3.73 -9.56
C LEU D 140 54.70 -2.76 -9.79
N GLY D 141 55.62 -2.67 -8.82
CA GLY D 141 56.93 -1.99 -9.02
C GLY D 141 56.74 -0.51 -9.27
N LYS D 142 57.32 0.00 -10.37
CA LYS D 142 57.24 1.43 -10.71
C LYS D 142 55.80 1.80 -11.14
N LYS D 143 54.99 0.80 -11.48
CA LYS D 143 53.60 0.99 -11.94
C LYS D 143 52.59 0.84 -10.79
N GLY D 144 53.05 0.88 -9.53
CA GLY D 144 52.27 0.53 -8.32
C GLY D 144 51.19 1.56 -7.93
N ASN D 145 51.28 2.78 -8.49
CA ASN D 145 50.28 3.81 -8.26
C ASN D 145 49.19 3.80 -9.36
N LEU D 146 49.30 2.87 -10.31
CA LEU D 146 48.48 2.89 -11.50
C LEU D 146 47.40 1.81 -11.41
N VAL D 147 46.14 2.26 -11.54
CA VAL D 147 44.97 1.41 -11.64
C VAL D 147 44.84 0.99 -13.12
N TYR D 148 44.81 -0.32 -13.34
CA TYR D 148 44.59 -0.97 -14.67
C TYR D 148 43.19 -1.59 -14.74
N ILE D 149 42.66 -1.68 -15.96
CA ILE D 149 41.42 -2.41 -16.17
C ILE D 149 41.74 -3.62 -17.06
N ILE D 150 41.07 -4.73 -16.78
CA ILE D 150 41.21 -5.99 -17.50
C ILE D 150 39.82 -6.45 -17.98
N ASP D 151 39.84 -7.52 -18.78
CA ASP D 151 38.70 -8.37 -19.05
C ASP D 151 37.75 -7.67 -20.03
N PHE D 152 37.90 -8.04 -21.31
CA PHE D 152 37.15 -7.55 -22.41
C PHE D 152 36.34 -8.68 -23.03
N GLY D 153 36.07 -9.72 -22.23
CA GLY D 153 35.30 -10.87 -22.72
C GLY D 153 33.82 -10.56 -22.90
N LEU D 154 33.30 -9.50 -22.23
CA LEU D 154 31.89 -9.12 -22.30
C LEU D 154 31.71 -7.80 -23.07
N ALA D 155 32.77 -7.28 -23.67
CA ALA D 155 32.76 -5.96 -24.33
C ALA D 155 32.05 -6.06 -25.69
N LYS D 156 31.56 -4.92 -26.18
CA LYS D 156 30.92 -4.79 -27.47
C LYS D 156 31.20 -3.39 -28.02
N LYS D 157 31.28 -3.27 -29.34
CA LYS D 157 31.31 -1.96 -30.01
C LYS D 157 29.93 -1.30 -29.88
N TYR D 158 29.89 -0.01 -29.52
CA TYR D 158 28.62 0.76 -29.39
C TYR D 158 28.46 1.71 -30.59
N ARG D 159 29.46 1.78 -31.47
CA ARG D 159 29.38 2.52 -32.78
C ARG D 159 30.51 2.02 -33.70
N TYR D 169 18.85 1.72 -30.10
CA TYR D 169 18.06 1.40 -28.92
C TYR D 169 17.41 0.04 -29.09
N ARG D 170 17.76 -0.92 -28.22
CA ARG D 170 17.27 -2.28 -28.26
C ARG D 170 16.87 -2.66 -26.83
N GLU D 171 16.27 -3.84 -26.67
CA GLU D 171 16.30 -4.58 -25.41
C GLU D 171 17.26 -5.78 -25.55
N ASN D 172 18.13 -5.95 -24.53
CA ASN D 172 19.41 -6.70 -24.61
C ASN D 172 19.28 -8.02 -23.84
N LYS D 173 18.18 -8.74 -24.08
CA LYS D 173 17.94 -10.12 -23.56
C LYS D 173 18.02 -10.16 -22.02
N ASN D 174 18.86 -11.07 -21.48
CA ASN D 174 19.12 -11.23 -20.06
C ASN D 174 20.39 -10.46 -19.67
N LEU D 175 20.73 -10.50 -18.38
CA LEU D 175 21.82 -9.72 -17.80
C LEU D 175 23.15 -10.47 -17.96
N THR D 176 23.98 -9.99 -18.91
CA THR D 176 25.38 -10.42 -19.02
C THR D 176 26.21 -9.48 -18.15
N GLY D 177 26.73 -10.06 -17.09
CA GLY D 177 27.68 -9.43 -16.24
C GLY D 177 27.36 -9.74 -14.81
N THR D 178 27.81 -8.85 -13.93
CA THR D 178 27.62 -8.96 -12.49
C THR D 178 26.41 -8.12 -12.07
N ALA D 179 25.45 -8.76 -11.38
CA ALA D 179 24.14 -8.16 -11.08
C ALA D 179 24.29 -7.09 -9.99
N ARG D 180 25.30 -7.23 -9.13
CA ARG D 180 25.47 -6.34 -8.01
C ARG D 180 25.68 -4.90 -8.51
N TYR D 181 26.41 -4.72 -9.62
CA TYR D 181 26.83 -3.41 -10.07
C TYR D 181 26.10 -2.99 -11.36
N ALA D 182 25.19 -3.83 -11.83
CA ALA D 182 24.43 -3.52 -13.05
C ALA D 182 23.54 -2.28 -12.85
N SER D 183 23.34 -1.54 -13.96
CA SER D 183 22.47 -0.39 -14.04
C SER D 183 20.99 -0.83 -14.02
N ILE D 184 20.13 0.13 -13.62
CA ILE D 184 18.69 -0.08 -13.64
C ILE D 184 18.24 -0.41 -15.08
N ASN D 185 18.78 0.32 -16.05
CA ASN D 185 18.45 0.07 -17.45
C ASN D 185 18.79 -1.38 -17.83
N THR D 186 19.88 -1.90 -17.26
CA THR D 186 20.30 -3.26 -17.59
C THR D 186 19.27 -4.24 -17.02
N HIS D 187 18.82 -4.01 -15.78
CA HIS D 187 17.78 -4.84 -15.15
C HIS D 187 16.47 -4.78 -15.97
N LEU D 188 16.21 -3.66 -16.64
CA LEU D 188 14.99 -3.48 -17.46
C LEU D 188 15.16 -4.18 -18.81
N GLY D 189 16.39 -4.65 -19.10
CA GLY D 189 16.69 -5.40 -20.29
C GLY D 189 17.02 -4.51 -21.49
N ILE D 190 17.32 -3.22 -21.23
CA ILE D 190 17.72 -2.26 -22.26
C ILE D 190 19.19 -2.48 -22.63
N GLU D 191 19.51 -2.16 -23.88
CA GLU D 191 20.83 -2.27 -24.43
C GLU D 191 21.78 -1.36 -23.67
N GLN D 192 22.97 -1.88 -23.31
CA GLN D 192 23.95 -1.14 -22.54
C GLN D 192 24.65 -0.14 -23.45
N SER D 193 24.90 1.04 -22.91
CA SER D 193 25.67 2.08 -23.59
C SER D 193 26.62 2.74 -22.59
N ARG D 194 27.23 3.86 -23.00
CA ARG D 194 28.33 4.47 -22.22
C ARG D 194 27.84 4.77 -20.79
N ARG D 195 26.59 5.21 -20.65
CA ARG D 195 26.01 5.63 -19.34
C ARG D 195 26.07 4.48 -18.34
N ASP D 196 25.90 3.26 -18.84
CA ASP D 196 25.78 2.09 -18.03
C ASP D 196 27.13 1.72 -17.39
N ASP D 197 28.22 1.76 -18.15
CA ASP D 197 29.54 1.57 -17.55
C ASP D 197 29.72 2.53 -16.37
N LEU D 198 29.27 3.79 -16.53
CA LEU D 198 29.52 4.84 -15.53
C LEU D 198 28.61 4.66 -14.29
N GLU D 199 27.36 4.24 -14.49
CA GLU D 199 26.45 3.97 -13.39
C GLU D 199 27.03 2.85 -12.53
N SER D 200 27.51 1.81 -13.19
CA SER D 200 28.12 0.66 -12.52
C SER D 200 29.32 1.10 -11.68
N LEU D 201 30.14 1.98 -12.23
CA LEU D 201 31.24 2.51 -11.46
C LEU D 201 30.71 3.22 -10.20
N GLY D 202 29.60 3.96 -10.37
CA GLY D 202 28.92 4.68 -9.26
C GLY D 202 28.60 3.77 -8.08
N TYR D 203 28.11 2.56 -8.39
CA TYR D 203 27.78 1.59 -7.38
C TYR D 203 29.06 1.01 -6.78
N VAL D 204 30.10 0.80 -7.61
CA VAL D 204 31.38 0.29 -7.09
C VAL D 204 31.92 1.26 -6.01
N LEU D 205 31.81 2.56 -6.27
CA LEU D 205 32.36 3.57 -5.38
C LEU D 205 31.61 3.56 -4.03
N MET D 206 30.28 3.41 -4.05
CA MET D 206 29.48 3.40 -2.83
C MET D 206 29.73 2.11 -2.06
N TYR D 207 30.01 1.03 -2.81
CA TYR D 207 30.39 -0.24 -2.26
C TYR D 207 31.64 -0.06 -1.39
N PHE D 208 32.65 0.68 -1.89
CA PHE D 208 33.89 0.89 -1.17
C PHE D 208 33.63 1.71 0.08
N ASN D 209 32.68 2.65 -0.03
CA ASN D 209 32.27 3.55 1.07
C ASN D 209 31.54 2.74 2.18
N LEU D 210 30.66 1.80 1.79
CA LEU D 210 29.72 1.19 2.72
C LEU D 210 30.24 -0.16 3.26
N GLY D 211 31.08 -0.84 2.48
CA GLY D 211 31.49 -2.21 2.82
C GLY D 211 30.63 -3.25 2.13
N SER D 212 29.40 -2.87 1.79
CA SER D 212 28.54 -3.65 0.96
C SER D 212 27.48 -2.74 0.33
N LEU D 213 26.64 -3.31 -0.52
CA LEU D 213 25.50 -2.59 -1.11
C LEU D 213 24.21 -3.21 -0.57
N PRO D 214 23.12 -2.42 -0.43
CA PRO D 214 21.90 -2.87 0.28
C PRO D 214 21.15 -4.01 -0.45
N TRP D 215 21.43 -4.21 -1.74
CA TRP D 215 20.84 -5.31 -2.51
C TRP D 215 21.80 -6.50 -2.57
N GLN D 216 22.86 -6.45 -1.77
CA GLN D 216 23.79 -7.55 -1.64
C GLN D 216 23.19 -8.58 -0.67
N GLY D 217 23.39 -9.87 -0.99
CA GLY D 217 23.15 -11.01 -0.10
C GLY D 217 21.68 -11.30 0.10
N LEU D 218 20.85 -11.04 -0.92
CA LEU D 218 19.42 -11.35 -0.84
C LEU D 218 19.20 -12.83 -1.19
N LYS D 219 18.56 -13.56 -0.28
CA LYS D 219 18.27 -14.97 -0.45
C LYS D 219 17.18 -15.12 -1.53
N ALA D 220 17.31 -16.20 -2.31
CA ALA D 220 16.33 -16.65 -3.28
C ALA D 220 16.73 -18.05 -3.74
N ALA D 221 15.74 -18.82 -4.21
CA ALA D 221 15.92 -20.24 -4.54
C ALA D 221 16.74 -20.37 -5.84
N THR D 222 16.29 -19.69 -6.91
CA THR D 222 16.88 -19.76 -8.23
C THR D 222 17.70 -18.50 -8.52
N LYS D 223 18.43 -18.52 -9.64
CA LYS D 223 19.29 -17.43 -10.07
C LYS D 223 18.45 -16.28 -10.63
N ARG D 224 17.52 -16.60 -11.52
CA ARG D 224 16.71 -15.60 -12.21
C ARG D 224 15.80 -14.90 -11.19
N GLN D 225 15.47 -15.61 -10.11
CA GLN D 225 14.69 -15.06 -8.98
C GLN D 225 15.55 -14.05 -8.20
N LYS D 226 16.85 -14.33 -8.11
CA LYS D 226 17.81 -13.49 -7.39
C LYS D 226 18.01 -12.16 -8.13
N TYR D 227 18.14 -12.23 -9.45
CA TYR D 227 18.25 -11.02 -10.27
C TYR D 227 16.98 -10.16 -10.12
N GLU D 228 15.80 -10.79 -10.13
CA GLU D 228 14.54 -10.06 -9.92
C GLU D 228 14.58 -9.31 -8.59
N ARG D 229 15.10 -9.97 -7.54
CA ARG D 229 15.13 -9.41 -6.19
C ARG D 229 16.10 -8.23 -6.13
N ILE D 230 17.23 -8.33 -6.86
CA ILE D 230 18.25 -7.27 -6.87
C ILE D 230 17.69 -6.04 -7.59
N SER D 231 17.13 -6.28 -8.77
CA SER D 231 16.49 -5.27 -9.59
C SER D 231 15.47 -4.47 -8.76
N GLU D 232 14.64 -5.18 -8.00
CA GLU D 232 13.52 -4.57 -7.26
C GLU D 232 14.08 -3.70 -6.14
N LYS D 233 15.13 -4.21 -5.48
CA LYS D 233 15.75 -3.54 -4.37
C LYS D 233 16.40 -2.24 -4.87
N LYS D 234 17.12 -2.31 -5.99
CA LYS D 234 17.75 -1.15 -6.61
C LYS D 234 16.71 -0.10 -6.94
N MET D 235 15.62 -0.55 -7.57
CA MET D 235 14.60 0.36 -8.07
C MET D 235 13.78 0.96 -6.91
N SER D 236 13.76 0.32 -5.74
CA SER D 236 13.04 0.85 -4.57
C SER D 236 13.98 1.51 -3.54
N THR D 237 15.29 1.63 -3.84
CA THR D 237 16.26 2.30 -2.95
C THR D 237 16.65 3.65 -3.56
N PRO D 238 16.04 4.78 -3.13
CA PRO D 238 16.44 6.10 -3.64
C PRO D 238 17.96 6.36 -3.51
N ILE D 239 18.50 7.14 -4.45
CA ILE D 239 19.92 7.46 -4.50
C ILE D 239 20.34 8.19 -3.22
N GLU D 240 19.49 9.07 -2.69
CA GLU D 240 19.84 9.82 -1.50
C GLU D 240 19.85 8.89 -0.27
N VAL D 241 19.14 7.77 -0.32
CA VAL D 241 19.16 6.80 0.78
C VAL D 241 20.44 5.95 0.67
N LEU D 242 20.73 5.41 -0.52
CA LEU D 242 21.96 4.63 -0.74
C LEU D 242 23.17 5.40 -0.20
N CYS D 243 23.19 6.72 -0.47
CA CYS D 243 24.38 7.55 -0.27
C CYS D 243 24.34 8.36 1.03
N LYS D 244 23.32 8.18 1.86
CA LYS D 244 23.18 9.00 3.09
C LYS D 244 24.42 8.86 3.97
N GLY D 245 24.95 9.99 4.41
CA GLY D 245 26.10 10.02 5.31
C GLY D 245 27.43 10.05 4.57
N TYR D 246 27.40 10.15 3.24
CA TYR D 246 28.62 10.36 2.45
C TYR D 246 28.51 11.68 1.71
N PRO D 247 29.61 12.30 1.26
CA PRO D 247 29.54 13.56 0.54
C PRO D 247 28.55 13.47 -0.64
N SER D 248 27.82 14.56 -0.88
CA SER D 248 26.74 14.61 -1.89
C SER D 248 27.22 14.13 -3.26
N GLU D 249 28.53 14.25 -3.52
CA GLU D 249 29.13 14.00 -4.87
C GLU D 249 28.80 12.59 -5.36
N PHE D 250 28.77 11.63 -4.45
CA PHE D 250 28.45 10.24 -4.83
C PHE D 250 27.04 10.16 -5.44
N ALA D 251 26.12 10.94 -4.86
CA ALA D 251 24.73 10.97 -5.25
C ALA D 251 24.56 11.78 -6.53
N THR D 252 25.24 12.92 -6.60
CA THR D 252 25.21 13.80 -7.74
C THR D 252 25.73 13.07 -8.98
N TYR D 253 26.81 12.26 -8.81
CA TYR D 253 27.39 11.37 -9.89
C TYR D 253 26.38 10.33 -10.37
N LEU D 254 25.73 9.63 -9.45
CA LEU D 254 24.75 8.56 -9.84
C LEU D 254 23.50 9.16 -10.49
N ASN D 255 23.08 10.35 -10.04
CA ASN D 255 21.89 11.04 -10.57
C ASN D 255 22.17 11.46 -12.00
N PHE D 256 23.37 11.98 -12.23
CA PHE D 256 23.80 12.43 -13.55
C PHE D 256 23.84 11.23 -14.50
N CYS D 257 24.43 10.13 -14.05
CA CYS D 257 24.45 8.87 -14.83
C CYS D 257 23.02 8.44 -15.18
N ARG D 258 22.09 8.43 -14.21
CA ARG D 258 20.72 8.00 -14.46
C ARG D 258 19.96 9.01 -15.34
N SER D 259 20.47 10.22 -15.52
CA SER D 259 19.85 11.25 -16.42
C SER D 259 20.25 11.09 -17.89
N LEU D 260 21.29 10.30 -18.15
CA LEU D 260 21.92 10.23 -19.45
C LEU D 260 20.97 9.57 -20.42
N ARG D 261 20.91 10.10 -21.63
CA ARG D 261 20.17 9.47 -22.71
C ARG D 261 21.02 8.36 -23.31
N PHE D 262 20.34 7.37 -23.93
CA PHE D 262 20.96 6.17 -24.47
C PHE D 262 22.27 6.48 -25.23
N ASP D 263 22.25 7.47 -26.12
CA ASP D 263 23.36 7.69 -27.04
C ASP D 263 24.11 8.99 -26.68
N ASP D 264 23.87 9.53 -25.48
CA ASP D 264 24.64 10.69 -25.00
C ASP D 264 26.12 10.29 -24.76
N LYS D 265 27.01 11.20 -25.14
CA LYS D 265 28.38 11.16 -24.70
C LYS D 265 28.45 11.75 -23.30
N PRO D 266 28.85 10.94 -22.29
CA PRO D 266 28.96 11.43 -20.91
C PRO D 266 29.97 12.55 -20.76
N ASP D 267 29.73 13.48 -19.83
CA ASP D 267 30.67 14.54 -19.53
C ASP D 267 31.66 14.01 -18.48
N TYR D 268 32.56 13.11 -18.91
CA TYR D 268 33.64 12.47 -18.04
C TYR D 268 34.37 13.56 -17.25
N SER D 269 34.71 14.63 -17.96
CA SER D 269 35.42 15.73 -17.39
C SER D 269 34.65 16.30 -16.18
N TYR D 270 33.34 16.52 -16.36
CA TYR D 270 32.49 17.06 -15.29
C TYR D 270 32.51 16.09 -14.10
N LEU D 271 32.46 14.78 -14.37
CA LEU D 271 32.40 13.78 -13.29
C LEU D 271 33.73 13.77 -12.53
N ARG D 272 34.85 13.91 -13.25
CA ARG D 272 36.17 13.91 -12.59
C ARG D 272 36.28 15.16 -11.72
N GLN D 273 35.80 16.31 -12.25
CA GLN D 273 35.90 17.61 -11.58
C GLN D 273 35.09 17.60 -10.28
N LEU D 274 34.02 16.82 -10.25
CA LEU D 274 33.17 16.62 -9.10
C LEU D 274 33.98 16.08 -7.92
N PHE D 275 34.68 14.97 -8.16
CA PHE D 275 35.44 14.31 -7.10
C PHE D 275 36.72 15.10 -6.79
N ARG D 276 37.26 15.82 -7.78
CA ARG D 276 38.47 16.69 -7.63
C ARG D 276 38.20 17.84 -6.67
N ASN D 277 37.04 18.51 -6.84
CA ASN D 277 36.63 19.62 -6.00
C ASN D 277 36.45 19.14 -4.56
N LEU D 278 35.78 17.98 -4.40
CA LEU D 278 35.65 17.33 -3.08
C LEU D 278 37.03 17.01 -2.48
N PHE D 279 37.94 16.46 -3.29
CA PHE D 279 39.31 16.12 -2.91
C PHE D 279 39.99 17.35 -2.30
N HIS D 280 39.84 18.50 -2.96
CA HIS D 280 40.50 19.76 -2.56
C HIS D 280 39.86 20.33 -1.27
N ARG D 281 38.52 20.25 -1.19
CA ARG D 281 37.77 20.70 0.00
C ARG D 281 38.20 19.90 1.24
N GLN D 282 38.51 18.61 1.08
CA GLN D 282 38.92 17.78 2.21
C GLN D 282 40.39 18.05 2.58
N GLY D 283 41.15 18.76 1.73
CA GLY D 283 42.55 19.04 2.00
C GLY D 283 43.48 17.84 1.75
N PHE D 284 43.05 16.89 0.90
CA PHE D 284 43.88 15.73 0.55
C PHE D 284 44.98 16.12 -0.44
N SER D 285 46.07 15.33 -0.47
CA SER D 285 47.17 15.53 -1.41
C SER D 285 47.23 14.36 -2.40
N TYR D 286 47.39 14.69 -3.69
CA TYR D 286 47.44 13.69 -4.76
C TYR D 286 48.84 13.07 -4.77
N ASP D 287 49.09 12.15 -3.82
CA ASP D 287 50.46 11.57 -3.60
C ASP D 287 50.43 10.05 -3.80
N TYR D 288 49.27 9.51 -4.21
CA TYR D 288 49.09 8.09 -4.60
C TYR D 288 49.39 7.14 -3.43
N VAL D 289 49.19 7.61 -2.19
CA VAL D 289 49.32 6.76 -1.03
C VAL D 289 47.92 6.26 -0.69
N PHE D 290 47.64 5.03 -1.13
CA PHE D 290 46.40 4.34 -0.87
C PHE D 290 46.47 3.70 0.52
N ASP D 291 45.33 3.33 1.07
CA ASP D 291 45.29 2.80 2.45
C ASP D 291 46.24 1.61 2.62
N TRP D 292 46.35 0.75 1.60
CA TRP D 292 47.12 -0.47 1.70
C TRP D 292 48.63 -0.17 1.68
N ASN D 293 49.03 1.03 1.23
CA ASN D 293 50.43 1.48 1.23
C ASN D 293 50.89 1.80 2.65
N MET D 294 49.96 1.96 3.60
CA MET D 294 50.31 2.38 4.94
C MET D 294 50.42 1.16 5.88
N LEU D 295 50.07 -0.02 5.38
CA LEU D 295 50.31 -1.28 6.11
C LEU D 295 51.83 -1.50 6.25
N LYS D 296 52.23 -2.18 7.32
CA LYS D 296 53.65 -2.30 7.71
C LYS D 296 53.82 -3.56 8.57
S SO4 E . 6.07 -13.12 6.88
O1 SO4 E . 5.17 -12.65 5.81
O2 SO4 E . 5.27 -13.27 8.11
O3 SO4 E . 7.14 -12.12 7.08
O4 SO4 E . 6.63 -14.43 6.47
S SO4 F . -9.73 -0.87 35.21
O1 SO4 F . -11.22 -0.87 35.04
O2 SO4 F . -9.26 0.53 35.36
O3 SO4 F . -9.39 -1.67 36.42
O4 SO4 F . -9.08 -1.45 34.01
S SO4 G . 1.42 6.73 16.94
O1 SO4 G . 0.31 5.78 16.82
O2 SO4 G . 1.36 7.72 15.83
O3 SO4 G . 1.34 7.42 18.25
O4 SO4 G . 2.70 5.98 16.84
C1 EDO H . 28.72 -14.61 35.30
O1 EDO H . 27.54 -14.21 34.60
C2 EDO H . 28.77 -16.13 35.29
O2 EDO H . 29.14 -16.58 33.99
C1 EDO I . 3.64 7.90 27.96
O1 EDO I . 3.64 7.33 26.65
C2 EDO I . 4.85 7.41 28.75
O2 EDO I . 5.90 6.93 27.90
C1 EDO J . -11.25 -12.91 35.52
O1 EDO J . -11.65 -11.94 36.51
C2 EDO J . -11.77 -14.32 35.84
O2 EDO J . -11.24 -15.25 34.91
N1 EYI K . 14.87 -7.10 25.16
C2 EYI K . 14.54 -5.47 27.68
N3 EYI K . 16.04 -11.46 29.86
C4 EYI K . 16.49 -6.65 28.41
C5 EYI K . 15.42 -6.53 27.52
C6 EYI K . 15.21 -7.53 26.44
F EYI K . 15.97 -3.80 30.54
C EYI K . 15.80 -4.69 29.54
C3 EYI K . 16.69 -5.72 29.42
C1 EYI K . 14.73 -4.53 28.69
C14 EYI K . 14.80 -8.20 24.45
N EYI K . 15.07 -9.34 25.16
C8 EYI K . 15.19 -10.72 24.64
C13 EYI K . 16.59 -10.99 24.08
C12 EYI K . 16.70 -12.43 23.58
C11 EYI K . 15.65 -12.73 22.52
C10 EYI K . 14.25 -12.44 23.06
C9 EYI K . 14.15 -11.00 23.56
C7 EYI K . 15.31 -8.91 26.48
C15 EYI K . 15.53 -9.79 27.65
C21 EYI K . 16.41 -10.88 27.55
C20 EYI K . 16.61 -11.67 28.66
C17 EYI K . 15.22 -10.41 29.94
N2 EYI K . 14.48 -10.02 31.04
C18 EYI K . 13.73 -8.93 30.68
C19 EYI K . 13.97 -8.60 29.38
C16 EYI K . 14.92 -9.54 28.90
S SO4 L . -0.41 12.98 5.82
O1 SO4 L . -1.34 12.05 5.14
O2 SO4 L . -1.13 14.23 6.21
O3 SO4 L . 0.18 12.36 7.03
O4 SO4 L . 0.69 13.34 4.90
S SO4 M . -6.39 5.82 -14.91
O1 SO4 M . -5.33 6.77 -15.35
O2 SO4 M . -7.64 6.23 -15.58
O3 SO4 M . -6.54 5.87 -13.44
O4 SO4 M . -6.05 4.45 -15.34
S SO4 N . 11.93 33.49 -13.97
O1 SO4 N . 10.64 32.82 -14.14
O2 SO4 N . 11.96 34.74 -14.78
O3 SO4 N . 12.11 33.87 -12.54
O4 SO4 N . 13.02 32.56 -14.41
C1 EDO O . -10.10 22.10 -31.87
O1 EDO O . -9.61 20.77 -32.14
C2 EDO O . -9.45 22.61 -30.59
O2 EDO O . -8.50 23.65 -30.86
C1 EDO P . 9.05 27.97 -1.99
O1 EDO P . 9.48 29.28 -2.39
C2 EDO P . 10.15 27.30 -1.22
O2 EDO P . 11.22 27.16 -2.13
C1 EDO Q . 11.47 32.29 0.55
O1 EDO Q . 10.78 32.13 1.79
C2 EDO Q . 10.63 31.64 -0.54
O2 EDO Q . 9.87 30.55 0.02
C1 EDO R . 16.29 11.55 3.91
O1 EDO R . 17.49 12.35 3.82
C2 EDO R . 16.62 10.15 3.46
O2 EDO R . 16.98 9.35 4.59
N1 EYI S . -14.19 23.48 -6.29
C2 EYI S . -15.65 26.67 -5.27
N3 EYI S . -15.49 28.83 -9.84
C4 EYI S . -13.72 25.65 -4.27
C5 EYI S . -14.63 25.72 -5.32
C6 EYI S . -14.49 24.82 -6.49
F EYI S . -15.00 28.24 -2.08
C EYI S . -14.87 27.42 -3.17
C3 EYI S . -13.84 26.51 -3.18
C1 EYI S . -15.77 27.53 -4.19
C14 EYI S . -14.24 22.95 -7.50
N EYI S . -14.55 23.85 -8.49
C8 EYI S . -14.75 23.56 -9.93
C13 EYI S . -16.14 23.00 -10.20
C12 EYI S . -16.33 22.76 -11.69
C11 EYI S . -15.26 21.84 -12.26
C10 EYI S . -13.87 22.39 -11.97
C9 EYI S . -13.67 22.63 -10.48
C7 EYI S . -14.69 25.08 -7.85
C15 EYI S . -14.94 26.39 -8.52
C21 EYI S . -15.92 26.48 -9.52
C20 EYI S . -16.14 27.69 -10.14
C17 EYI S . -14.56 28.73 -8.87
N2 EYI S . -13.77 29.75 -8.40
C18 EYI S . -12.94 29.22 -7.44
C19 EYI S . -13.19 27.88 -7.27
C16 EYI S . -14.23 27.55 -8.19
S SO4 T . -25.97 0.92 -6.75
O1 SO4 T . -27.38 1.22 -7.08
O2 SO4 T . -25.22 2.19 -6.83
O3 SO4 T . -25.86 0.34 -5.39
O4 SO4 T . -25.43 -0.08 -7.70
S SO4 U . -39.60 -15.21 18.56
O1 SO4 U . -40.69 -15.67 17.67
O2 SO4 U . -39.07 -13.91 18.10
O3 SO4 U . -40.10 -15.03 19.92
O4 SO4 U . -38.52 -16.21 18.48
C1 EDO V . -35.01 -22.07 9.55
O1 EDO V . -33.64 -22.57 9.46
C2 EDO V . -35.92 -23.00 10.35
O2 EDO V . -36.25 -22.42 11.63
C1 EDO W . -30.56 -28.15 11.54
O1 EDO W . -30.01 -27.96 12.84
C2 EDO W . -29.81 -27.28 10.54
O2 EDO W . -30.72 -26.56 9.69
N1 EYI X . -43.23 -9.65 -9.72
C2 EYI X . -44.70 -12.30 -9.37
N3 EYI X . -48.92 -7.85 -7.13
C4 EYI X . -46.52 -11.03 -10.27
C5 EYI X . -45.26 -11.07 -9.65
C6 EYI X . -44.56 -9.81 -9.33
F EYI X . -47.26 -14.56 -10.61
C EYI X . -46.60 -13.40 -10.28
C3 EYI X . -47.19 -12.20 -10.59
C1 EYI X . -45.36 -13.48 -9.68
C14 EYI X . -42.94 -8.41 -9.47
N EYI X . -43.99 -7.71 -8.92
C8 EYI X . -44.01 -6.26 -8.59
C13 EYI X . -44.19 -5.42 -9.86
C12 EYI X . -44.25 -3.92 -9.53
C11 EYI X . -43.02 -3.48 -8.77
C10 EYI X . -42.83 -4.32 -7.51
C9 EYI X . -42.76 -5.81 -7.86
C7 EYI X . -45.03 -8.63 -8.79
C15 EYI X . -46.36 -8.37 -8.17
C21 EYI X . -47.03 -7.19 -8.48
C20 EYI X . -48.29 -6.99 -7.94
C17 EYI X . -48.26 -8.99 -6.84
N2 EYI X . -48.69 -10.03 -6.06
C18 EYI X . -47.70 -10.98 -6.04
C19 EYI X . -46.63 -10.57 -6.78
C16 EYI X . -46.97 -9.30 -7.32
S SO4 Y . 39.58 16.81 -17.16
O1 SO4 Y . 38.67 16.32 -18.20
O2 SO4 Y . 38.86 17.73 -16.25
O3 SO4 Y . 40.12 15.66 -16.40
O4 SO4 Y . 40.69 17.53 -17.79
S SO4 Z . 25.62 -10.58 -4.36
O1 SO4 Z . 24.99 -11.31 -5.49
O2 SO4 Z . 26.03 -9.24 -4.84
O3 SO4 Z . 24.67 -10.44 -3.24
O4 SO4 Z . 26.81 -11.30 -3.84
C1 EDO AA . 35.65 9.91 -25.82
O1 EDO AA . 35.99 11.20 -25.32
C2 EDO AA . 35.12 9.06 -24.68
O2 EDO AA . 33.81 8.54 -25.00
N1 EYI BA . 42.43 -12.55 -15.74
C2 EYI BA . 43.76 -11.87 -18.39
N3 EYI BA . 48.29 -10.40 -13.91
C4 EYI BA . 45.71 -12.84 -17.37
C5 EYI BA . 44.41 -12.32 -17.25
C6 EYI BA . 43.78 -12.21 -15.91
F EYI BA . 46.24 -12.65 -20.95
C EYI BA . 45.65 -12.48 -19.70
C3 EYI BA . 46.34 -12.90 -18.60
C1 EYI BA . 44.37 -11.95 -19.63
C14 EYI BA . 42.23 -12.46 -14.45
N EYI BA . 43.33 -12.05 -13.74
C8 EYI BA . 43.44 -11.89 -12.26
C13 EYI BA . 43.60 -13.24 -11.56
C12 EYI BA . 43.62 -13.09 -10.04
C11 EYI BA . 42.39 -12.37 -9.53
C10 EYI BA . 42.28 -11.01 -10.18
C9 EYI BA . 42.22 -11.12 -11.71
C7 EYI BA . 44.34 -11.87 -14.70
C15 EYI BA . 45.71 -11.33 -14.45
C21 EYI BA . 46.42 -11.81 -13.34
C20 EYI BA . 47.70 -11.30 -13.13
C17 EYI BA . 47.61 -9.96 -14.97
N2 EYI BA . 47.98 -9.00 -15.87
C18 EYI BA . 46.95 -8.83 -16.77
C19 EYI BA . 45.91 -9.65 -16.46
C16 EYI BA . 46.31 -10.40 -15.31
#